data_8P2P
#
_entry.id   8P2P
#
_cell.length_a   188.908
_cell.length_b   188.908
_cell.length_c   139.085
_cell.angle_alpha   90.000
_cell.angle_beta   90.000
_cell.angle_gamma   90.000
#
_symmetry.space_group_name_H-M   'I 41'
#
_entity_poly.entity_id   1
_entity_poly.type   'polypeptide(L)'
_entity_poly.pdbx_seq_one_letter_code
;MEFPDHSRHLLQCLSEQRHQGFLCDCTVLVGDAQFRAHRAVLASCSMYFHLFYKDQLDKRDIVHLNSDIVTAPAFALLLE
FMYEGKLQFKDLPIEDVLAAASYLHMYDIVKVCKKKLKEKATTEADSTKKEEDASSCSDKVESLSDGSSLEHHHHHH
;
_entity_poly.pdbx_strand_id   B,A,C,D,E,F,G,H
#
# COMPACT_ATOMS: atom_id res chain seq x y z
N PHE A 3 -10.83 11.13 -21.94
CA PHE A 3 -9.55 11.73 -22.34
C PHE A 3 -9.24 13.06 -21.63
N PRO A 4 -10.20 14.04 -21.61
CA PRO A 4 -9.92 15.29 -20.91
C PRO A 4 -10.05 15.14 -19.40
N ASP A 5 -11.02 14.31 -18.98
CA ASP A 5 -11.11 13.96 -17.57
C ASP A 5 -9.84 13.27 -17.12
N HIS A 6 -9.18 12.54 -18.03
CA HIS A 6 -7.89 11.95 -17.71
C HIS A 6 -6.83 13.03 -17.48
N SER A 7 -6.88 14.12 -18.25
CA SER A 7 -5.94 15.22 -18.03
C SER A 7 -6.19 15.90 -16.69
N ARG A 8 -7.46 16.15 -16.35
CA ARG A 8 -7.76 16.74 -15.05
C ARG A 8 -7.34 15.82 -13.91
N HIS A 9 -7.53 14.51 -14.07
CA HIS A 9 -7.16 13.56 -13.02
C HIS A 9 -5.65 13.43 -12.89
N LEU A 10 -4.92 13.48 -14.01
CA LEU A 10 -3.47 13.49 -13.93
C LEU A 10 -2.96 14.76 -13.27
N LEU A 11 -3.61 15.89 -13.53
CA LEU A 11 -3.27 17.14 -12.85
C LEU A 11 -3.52 17.03 -11.35
N GLN A 12 -4.64 16.43 -10.96
CA GLN A 12 -4.92 16.26 -9.53
C GLN A 12 -3.92 15.32 -8.88
N CYS A 13 -3.53 14.25 -9.57
CA CYS A 13 -2.55 13.32 -9.01
C CYS A 13 -1.19 13.98 -8.88
N LEU A 14 -0.80 14.81 -9.85
CA LEU A 14 0.43 15.56 -9.73
C LEU A 14 0.36 16.57 -8.61
N SER A 15 -0.81 17.18 -8.40
CA SER A 15 -0.96 18.11 -7.28
C SER A 15 -0.82 17.39 -5.95
N GLU A 16 -1.34 16.16 -5.86
CA GLU A 16 -1.16 15.38 -4.65
C GLU A 16 0.30 15.00 -4.44
N GLN A 17 1.01 14.67 -5.53
CA GLN A 17 2.43 14.35 -5.43
C GLN A 17 3.25 15.57 -5.03
N ARG A 18 2.82 16.77 -5.44
CA ARG A 18 3.50 17.99 -5.04
C ARG A 18 3.19 18.37 -3.59
N HIS A 19 1.97 18.08 -3.12
CA HIS A 19 1.63 18.34 -1.72
C HIS A 19 2.31 17.36 -0.77
N GLN A 20 2.53 16.11 -1.21
CA GLN A 20 3.22 15.15 -0.37
C GLN A 20 4.74 15.29 -0.47
N GLY A 21 5.25 15.52 -1.69
CA GLY A 21 6.67 15.73 -1.87
C GLY A 21 7.37 14.68 -2.70
N PHE A 22 6.61 13.80 -3.35
CA PHE A 22 7.23 12.74 -4.15
C PHE A 22 7.77 13.33 -5.44
N LEU A 23 9.05 13.09 -5.71
CA LEU A 23 9.75 13.54 -6.91
C LEU A 23 9.69 15.07 -7.02
N CYS A 24 10.35 15.70 -6.05
CA CYS A 24 10.46 17.16 -5.96
C CYS A 24 11.82 17.58 -6.51
N ASP A 25 11.88 17.88 -7.80
CA ASP A 25 13.16 18.25 -8.41
C ASP A 25 13.70 19.57 -7.88
N CYS A 26 12.89 20.35 -7.17
CA CYS A 26 13.30 21.65 -6.64
C CYS A 26 12.67 21.88 -5.28
N THR A 27 13.32 22.73 -4.48
CA THR A 27 12.77 23.13 -3.18
C THR A 27 12.97 24.64 -3.05
N VAL A 28 11.92 25.39 -3.34
CA VAL A 28 11.98 26.85 -3.32
C VAL A 28 11.48 27.35 -1.96
N LEU A 29 12.31 28.13 -1.29
CA LEU A 29 11.97 28.68 0.02
C LEU A 29 12.36 30.16 0.00
N VAL A 30 11.38 31.04 -0.04
CA VAL A 30 11.68 32.47 -0.09
C VAL A 30 11.98 33.00 1.30
N GLY A 31 11.05 32.80 2.23
CA GLY A 31 11.23 33.28 3.58
C GLY A 31 11.55 32.15 4.54
N ASP A 32 10.97 32.20 5.73
CA ASP A 32 11.13 31.10 6.69
C ASP A 32 10.44 29.83 6.22
N ALA A 33 9.37 29.95 5.44
CA ALA A 33 8.65 28.77 4.96
C ALA A 33 9.38 28.16 3.77
N GLN A 34 9.15 26.86 3.56
CA GLN A 34 9.83 26.09 2.52
C GLN A 34 8.79 25.28 1.76
N PHE A 35 8.65 25.56 0.45
CA PHE A 35 7.81 24.78 -0.44
C PHE A 35 8.71 23.96 -1.35
N ARG A 36 8.40 22.66 -1.51
CA ARG A 36 9.21 21.80 -2.35
C ARG A 36 8.31 21.06 -3.33
N ALA A 37 8.74 20.97 -4.59
CA ALA A 37 7.97 20.32 -5.64
C ALA A 37 8.88 20.10 -6.84
N HIS A 38 8.32 19.64 -7.95
CA HIS A 38 9.13 19.39 -9.13
C HIS A 38 9.54 20.72 -9.76
N ARG A 39 10.80 20.79 -10.21
CA ARG A 39 11.28 22.01 -10.83
C ARG A 39 10.54 22.29 -12.14
N ALA A 40 10.30 21.24 -12.93
CA ALA A 40 9.61 21.41 -14.21
C ALA A 40 8.20 21.92 -14.01
N VAL A 41 7.56 21.59 -12.88
CA VAL A 41 6.22 22.09 -12.61
C VAL A 41 6.25 23.61 -12.46
N LEU A 42 7.11 24.11 -11.57
CA LEU A 42 7.24 25.55 -11.39
C LEU A 42 7.66 26.23 -12.68
N ALA A 43 8.47 25.55 -13.51
CA ALA A 43 8.92 26.12 -14.76
C ALA A 43 7.76 26.28 -15.75
N SER A 44 6.96 25.22 -15.91
CA SER A 44 5.80 25.30 -16.79
C SER A 44 4.78 26.30 -16.26
N CYS A 45 4.72 26.48 -14.94
CA CYS A 45 3.76 27.41 -14.35
C CYS A 45 4.25 28.86 -14.41
N SER A 46 5.51 29.09 -14.06
CA SER A 46 6.04 30.44 -13.89
C SER A 46 7.25 30.64 -14.79
N MET A 47 7.30 31.78 -15.47
CA MET A 47 8.42 32.08 -16.35
C MET A 47 9.70 32.34 -15.56
N TYR A 48 9.60 32.84 -14.32
CA TYR A 48 10.80 32.98 -13.51
C TYR A 48 11.43 31.64 -13.19
N PHE A 49 10.61 30.64 -12.84
CA PHE A 49 11.13 29.29 -12.67
C PHE A 49 11.64 28.72 -13.99
N HIS A 50 11.04 29.10 -15.11
CA HIS A 50 11.54 28.67 -16.42
C HIS A 50 12.92 29.24 -16.69
N LEU A 51 13.14 30.50 -16.30
CA LEU A 51 14.46 31.10 -16.45
C LEU A 51 15.45 30.43 -15.50
N PHE A 52 15.02 30.09 -14.29
CA PHE A 52 15.87 29.35 -13.38
C PHE A 52 16.25 28.00 -13.98
N TYR A 53 15.33 27.36 -14.71
CA TYR A 53 15.64 26.10 -15.36
C TYR A 53 16.59 26.29 -16.54
N LYS A 54 16.45 27.41 -17.26
CA LYS A 54 17.38 27.72 -18.35
C LYS A 54 18.79 27.96 -17.82
N ASP A 55 18.90 28.63 -16.67
CA ASP A 55 20.20 28.81 -16.02
C ASP A 55 20.72 27.51 -15.41
N GLN A 56 19.81 26.62 -15.02
CA GLN A 56 20.12 25.32 -14.43
C GLN A 56 20.42 24.25 -15.47
N LEU A 57 20.20 24.55 -16.75
CA LEU A 57 20.52 23.59 -17.79
C LEU A 57 22.00 23.23 -17.78
N ASP A 58 22.87 24.19 -17.42
CA ASP A 58 24.30 23.94 -17.28
C ASP A 58 24.64 23.16 -16.02
N LYS A 59 23.78 22.20 -15.66
CA LYS A 59 23.89 21.28 -14.52
C LYS A 59 23.91 21.97 -13.15
N ARG A 60 23.31 23.14 -13.00
CA ARG A 60 23.22 23.75 -11.68
C ARG A 60 22.18 23.02 -10.82
N ASP A 61 22.26 23.24 -9.51
CA ASP A 61 21.36 22.61 -8.55
C ASP A 61 20.25 23.58 -8.16
N ILE A 62 19.01 23.19 -8.44
CA ILE A 62 17.82 23.95 -8.05
C ILE A 62 17.47 23.70 -6.60
N VAL A 63 18.48 23.71 -5.73
CA VAL A 63 18.26 23.32 -4.34
C VAL A 63 17.33 24.31 -3.64
N HIS A 64 17.41 25.60 -4.00
CA HIS A 64 16.67 26.63 -3.27
C HIS A 64 16.57 27.91 -4.10
N LEU A 65 15.82 28.88 -3.57
CA LEU A 65 15.62 30.18 -4.21
C LEU A 65 14.89 31.16 -3.29
N ASN A 66 15.36 32.41 -3.22
CA ASN A 66 14.75 33.42 -2.36
C ASN A 66 14.57 34.74 -3.10
N SER A 67 13.41 35.36 -2.93
CA SER A 67 13.12 36.69 -3.45
C SER A 67 12.64 37.59 -2.33
N ASP A 68 13.19 38.80 -2.27
CA ASP A 68 12.83 39.74 -1.22
C ASP A 68 11.48 40.37 -1.52
N ILE A 69 10.75 40.72 -0.44
CA ILE A 69 9.46 41.39 -0.53
C ILE A 69 8.50 40.66 -1.45
N VAL A 70 8.58 39.33 -1.46
CA VAL A 70 7.62 38.49 -2.15
C VAL A 70 6.91 37.69 -1.06
N THR A 71 5.68 38.09 -0.75
CA THR A 71 4.92 37.51 0.35
C THR A 71 4.85 36.00 0.25
N ALA A 72 5.40 35.31 1.27
CA ALA A 72 5.36 33.85 1.28
C ALA A 72 3.95 33.27 1.31
N PRO A 73 3.00 33.77 2.12
CA PRO A 73 1.61 33.30 1.98
C PRO A 73 1.06 33.48 0.57
N ALA A 74 1.38 34.61 -0.06
CA ALA A 74 0.98 34.82 -1.45
C ALA A 74 1.68 33.83 -2.37
N PHE A 75 2.94 33.50 -2.08
CA PHE A 75 3.65 32.51 -2.89
C PHE A 75 2.98 31.14 -2.80
N ALA A 76 2.55 30.75 -1.59
CA ALA A 76 1.85 29.48 -1.44
C ALA A 76 0.50 29.51 -2.16
N LEU A 77 -0.23 30.61 -2.06
CA LEU A 77 -1.49 30.73 -2.77
C LEU A 77 -1.30 30.69 -4.28
N LEU A 78 -0.20 31.26 -4.77
CA LEU A 78 0.08 31.23 -6.20
C LEU A 78 0.45 29.82 -6.66
N LEU A 79 1.24 29.11 -5.85
CA LEU A 79 1.54 27.72 -6.16
C LEU A 79 0.27 26.89 -6.23
N GLU A 80 -0.64 27.10 -5.27
CA GLU A 80 -1.91 26.39 -5.31
C GLU A 80 -2.72 26.78 -6.55
N PHE A 81 -2.74 28.07 -6.88
CA PHE A 81 -3.49 28.52 -8.05
C PHE A 81 -2.93 27.95 -9.35
N MET A 82 -1.63 27.64 -9.37
CA MET A 82 -1.09 26.89 -10.50
C MET A 82 -1.73 25.52 -10.62
N TYR A 83 -2.12 24.93 -9.48
CA TYR A 83 -2.80 23.64 -9.42
C TYR A 83 -4.29 23.77 -9.10
N GLU A 84 -4.93 24.87 -9.52
CA GLU A 84 -6.33 25.13 -9.14
C GLU A 84 -6.94 26.17 -10.08
N GLY A 85 -8.13 26.66 -9.74
CA GLY A 85 -9.00 27.37 -10.66
C GLY A 85 -8.81 28.88 -10.70
N LYS A 86 -9.76 29.54 -11.37
CA LYS A 86 -9.70 30.98 -11.63
C LYS A 86 -10.67 31.73 -10.72
N LEU A 87 -10.52 33.07 -10.73
CA LEU A 87 -11.28 33.97 -9.87
C LEU A 87 -11.19 33.58 -8.40
N GLN A 88 -9.99 33.16 -7.98
CA GLN A 88 -9.73 32.73 -6.61
C GLN A 88 -9.13 33.91 -5.84
N PHE A 89 -9.98 34.64 -5.12
CA PHE A 89 -9.49 35.77 -4.32
C PHE A 89 -8.76 35.28 -3.07
N LYS A 90 -9.41 34.42 -2.28
CA LYS A 90 -8.84 33.76 -1.11
C LYS A 90 -8.36 34.71 -0.01
N ASP A 91 -8.79 35.97 -0.01
CA ASP A 91 -8.63 36.95 1.09
C ASP A 91 -7.24 37.56 1.20
N LEU A 92 -6.31 37.31 0.22
CA LEU A 92 -4.98 37.91 0.35
C LEU A 92 -4.92 39.32 -0.23
N PRO A 93 -4.02 40.17 0.28
CA PRO A 93 -3.90 41.54 -0.24
C PRO A 93 -3.46 41.55 -1.70
N ILE A 94 -4.23 42.28 -2.52
CA ILE A 94 -3.94 42.34 -3.96
C ILE A 94 -2.55 42.91 -4.23
N GLU A 95 -2.04 43.76 -3.34
CA GLU A 95 -0.73 44.38 -3.55
C GLU A 95 0.36 43.30 -3.63
N ASP A 96 0.53 42.56 -2.55
CA ASP A 96 1.50 41.47 -2.53
C ASP A 96 1.18 40.44 -3.60
N VAL A 97 -0.09 40.27 -3.95
CA VAL A 97 -0.48 39.30 -4.97
C VAL A 97 0.13 39.68 -6.31
N LEU A 98 -0.11 40.92 -6.75
CA LEU A 98 0.48 41.37 -8.01
C LEU A 98 2.00 41.38 -7.94
N ALA A 99 2.55 41.73 -6.77
CA ALA A 99 4.01 41.74 -6.63
C ALA A 99 4.60 40.35 -6.82
N ALA A 100 4.01 39.35 -6.16
CA ALA A 100 4.48 37.97 -6.32
C ALA A 100 4.26 37.47 -7.73
N ALA A 101 3.10 37.80 -8.33
CA ALA A 101 2.83 37.37 -9.68
C ALA A 101 3.88 37.90 -10.64
N SER A 102 4.32 39.15 -10.43
CA SER A 102 5.35 39.71 -11.28
C SER A 102 6.73 39.10 -10.96
N TYR A 103 7.05 38.92 -9.67
CA TYR A 103 8.35 38.37 -9.32
C TYR A 103 8.52 36.97 -9.86
N LEU A 104 7.46 36.17 -9.84
CA LEU A 104 7.45 34.84 -10.43
C LEU A 104 7.20 34.88 -11.93
N HIS A 105 6.88 36.06 -12.48
CA HIS A 105 6.48 36.21 -13.87
C HIS A 105 5.23 35.37 -14.18
N MET A 106 4.32 35.30 -13.23
CA MET A 106 3.12 34.49 -13.35
C MET A 106 2.20 35.01 -14.45
N TYR A 107 1.11 34.26 -14.68
CA TYR A 107 0.09 34.64 -15.65
C TYR A 107 -0.43 36.05 -15.41
N ASP A 108 -0.47 36.83 -16.48
CA ASP A 108 -0.84 38.24 -16.39
C ASP A 108 -2.27 38.43 -15.87
N ILE A 109 -3.15 37.44 -16.08
CA ILE A 109 -4.55 37.56 -15.68
C ILE A 109 -4.68 37.91 -14.21
N VAL A 110 -3.70 37.50 -13.39
CA VAL A 110 -3.72 37.84 -11.97
C VAL A 110 -3.74 39.35 -11.82
N LYS A 111 -2.79 40.04 -12.48
CA LYS A 111 -2.79 41.49 -12.44
C LYS A 111 -4.07 42.06 -13.03
N VAL A 112 -4.66 41.35 -13.99
CA VAL A 112 -5.94 41.78 -14.54
C VAL A 112 -6.98 41.75 -13.44
N CYS A 113 -6.97 40.68 -12.63
CA CYS A 113 -7.85 40.62 -11.47
C CYS A 113 -7.51 41.73 -10.49
N LYS A 114 -6.23 42.10 -10.41
CA LYS A 114 -5.85 43.25 -9.60
C LYS A 114 -6.61 44.49 -10.05
N LYS A 115 -6.74 44.67 -11.37
CA LYS A 115 -7.50 45.80 -11.87
C LYS A 115 -8.95 45.68 -11.43
N LYS A 116 -9.48 44.45 -11.39
CA LYS A 116 -10.83 44.24 -10.91
C LYS A 116 -10.94 44.67 -9.45
N LEU A 117 -9.88 44.45 -8.67
CA LEU A 117 -9.90 44.91 -7.28
C LEU A 117 -9.95 46.43 -7.23
N LYS A 118 -9.29 47.11 -8.17
CA LYS A 118 -9.39 48.56 -8.22
C LYS A 118 -10.79 49.01 -8.57
N GLU A 119 -11.57 48.17 -9.25
CA GLU A 119 -12.96 48.45 -9.57
C GLU A 119 -13.91 48.01 -8.47
N LYS A 120 -13.39 47.67 -7.28
CA LYS A 120 -14.23 47.15 -6.20
C LYS A 120 -14.44 48.13 -5.05
N ALA A 121 -13.76 49.27 -5.04
CA ALA A 121 -13.84 50.22 -3.93
C ALA A 121 -14.52 51.54 -4.28
N THR A 122 -14.75 51.80 -5.56
CA THR A 122 -15.38 53.05 -5.99
C THR A 122 -16.77 52.81 -6.56
N PHE B 3 -9.81 28.27 -16.48
CA PHE B 3 -9.02 27.62 -15.43
C PHE B 3 -8.81 26.12 -15.70
N PRO B 4 -9.88 25.35 -16.01
CA PRO B 4 -9.67 23.92 -16.31
C PRO B 4 -9.10 23.73 -17.71
N ASP B 5 -9.55 24.56 -18.66
CA ASP B 5 -8.91 24.58 -19.96
C ASP B 5 -7.45 24.94 -19.82
N HIS B 6 -7.13 25.78 -18.82
CA HIS B 6 -5.75 26.06 -18.47
C HIS B 6 -5.06 24.81 -17.97
N SER B 7 -5.76 23.95 -17.24
CA SER B 7 -5.16 22.70 -16.79
C SER B 7 -4.83 21.79 -17.97
N ARG B 8 -5.76 21.67 -18.92
CA ARG B 8 -5.49 20.84 -20.11
C ARG B 8 -4.35 21.43 -20.93
N HIS B 9 -4.29 22.76 -21.05
CA HIS B 9 -3.22 23.38 -21.81
C HIS B 9 -1.88 23.26 -21.08
N LEU B 10 -1.89 23.32 -19.75
CA LEU B 10 -0.69 23.09 -18.97
C LEU B 10 -0.22 21.65 -19.11
N LEU B 11 -1.15 20.70 -19.18
CA LEU B 11 -0.77 19.33 -19.46
C LEU B 11 -0.12 19.23 -20.82
N GLN B 12 -0.65 19.93 -21.82
CA GLN B 12 -0.04 19.95 -23.14
C GLN B 12 1.35 20.58 -23.11
N CYS B 13 1.51 21.66 -22.34
CA CYS B 13 2.81 22.33 -22.24
C CYS B 13 3.82 21.45 -21.53
N LEU B 14 3.40 20.74 -20.48
CA LEU B 14 4.27 19.79 -19.81
C LEU B 14 4.63 18.64 -20.73
N SER B 15 3.70 18.22 -21.58
CA SER B 15 4.00 17.18 -22.56
C SER B 15 5.00 17.68 -23.59
N GLU B 16 4.91 18.95 -23.98
CA GLU B 16 5.91 19.51 -24.88
C GLU B 16 7.28 19.58 -24.21
N GLN B 17 7.30 19.94 -22.92
CA GLN B 17 8.56 19.95 -22.17
C GLN B 17 9.14 18.55 -22.00
N ARG B 18 8.29 17.54 -21.88
CA ARG B 18 8.76 16.16 -21.80
C ARG B 18 9.23 15.65 -23.16
N HIS B 19 8.63 16.14 -24.24
CA HIS B 19 9.11 15.81 -25.57
C HIS B 19 10.45 16.50 -25.84
N GLN B 20 10.66 17.66 -25.23
CA GLN B 20 11.94 18.34 -25.36
C GLN B 20 12.98 17.77 -24.40
N GLY B 21 12.59 17.44 -23.17
CA GLY B 21 13.53 16.82 -22.25
C GLY B 21 13.90 17.61 -21.00
N PHE B 22 13.19 18.69 -20.71
CA PHE B 22 13.54 19.53 -19.57
C PHE B 22 13.19 18.86 -18.24
N LEU B 23 14.17 18.80 -17.35
CA LEU B 23 14.02 18.26 -15.99
C LEU B 23 13.57 16.79 -16.04
N CYS B 24 14.46 15.95 -16.55
CA CYS B 24 14.23 14.51 -16.70
C CYS B 24 14.90 13.77 -15.54
N ASP B 25 14.16 13.58 -14.44
CA ASP B 25 14.70 12.88 -13.30
C ASP B 25 14.94 11.40 -13.57
N CYS B 26 14.41 10.88 -14.67
CA CYS B 26 14.57 9.48 -15.04
C CYS B 26 14.74 9.41 -16.56
N THR B 27 15.38 8.34 -17.01
CA THR B 27 15.56 8.07 -18.44
C THR B 27 15.28 6.58 -18.67
N VAL B 28 14.10 6.28 -19.19
CA VAL B 28 13.66 4.90 -19.37
C VAL B 28 13.92 4.46 -20.81
N LEU B 29 14.65 3.36 -20.95
CA LEU B 29 15.00 2.81 -22.26
C LEU B 29 14.76 1.30 -22.20
N VAL B 30 13.73 0.83 -22.90
CA VAL B 30 13.37 -0.59 -22.86
C VAL B 30 14.20 -1.39 -23.85
N GLY B 31 14.14 -1.01 -25.12
CA GLY B 31 14.83 -1.71 -26.20
C GLY B 31 16.04 -0.95 -26.70
N ASP B 32 16.23 -0.99 -28.02
CA ASP B 32 17.32 -0.22 -28.63
C ASP B 32 17.10 1.28 -28.48
N ALA B 33 15.85 1.73 -28.44
CA ALA B 33 15.54 3.14 -28.31
C ALA B 33 15.65 3.59 -26.86
N GLN B 34 15.83 4.89 -26.68
CA GLN B 34 16.03 5.49 -25.36
C GLN B 34 15.06 6.65 -25.21
N PHE B 35 14.16 6.56 -24.25
CA PHE B 35 13.20 7.63 -23.97
C PHE B 35 13.60 8.37 -22.69
N ARG B 36 13.52 9.70 -22.74
CA ARG B 36 13.86 10.53 -21.60
C ARG B 36 12.73 11.51 -21.33
N ALA B 37 12.37 11.65 -20.06
CA ALA B 37 11.30 12.55 -19.63
C ALA B 37 11.37 12.67 -18.10
N HIS B 38 10.40 13.38 -17.53
CA HIS B 38 10.37 13.59 -16.09
C HIS B 38 9.96 12.31 -15.37
N ARG B 39 10.67 12.01 -14.28
CA ARG B 39 10.35 10.79 -13.52
C ARG B 39 8.97 10.89 -12.90
N ALA B 40 8.61 12.07 -12.38
CA ALA B 40 7.31 12.26 -11.74
C ALA B 40 6.16 12.05 -12.73
N VAL B 41 6.39 12.34 -14.02
CA VAL B 41 5.34 12.12 -15.01
C VAL B 41 5.03 10.63 -15.13
N LEU B 42 6.05 9.81 -15.37
CA LEU B 42 5.85 8.37 -15.44
C LEU B 42 5.30 7.81 -14.14
N ALA B 43 5.70 8.39 -12.99
CA ALA B 43 5.19 7.89 -11.71
C ALA B 43 3.71 8.18 -11.57
N SER B 44 3.29 9.42 -11.85
CA SER B 44 1.88 9.78 -11.79
C SER B 44 1.07 9.01 -12.83
N CYS B 45 1.71 8.59 -13.93
CA CYS B 45 0.97 7.88 -14.96
C CYS B 45 0.74 6.43 -14.60
N SER B 46 1.77 5.74 -14.10
CA SER B 46 1.71 4.30 -13.89
C SER B 46 2.03 3.94 -12.45
N MET B 47 1.23 3.02 -11.89
CA MET B 47 1.48 2.57 -10.53
C MET B 47 2.75 1.73 -10.43
N TYR B 48 3.10 1.02 -11.50
CA TYR B 48 4.37 0.31 -11.53
C TYR B 48 5.54 1.29 -11.44
N PHE B 49 5.43 2.42 -12.15
CA PHE B 49 6.41 3.48 -11.97
C PHE B 49 6.38 4.06 -10.57
N HIS B 50 5.22 4.08 -9.92
CA HIS B 50 5.16 4.56 -8.54
C HIS B 50 5.93 3.63 -7.61
N LEU B 51 5.80 2.32 -7.81
CA LEU B 51 6.56 1.37 -6.99
C LEU B 51 8.05 1.46 -7.29
N PHE B 52 8.40 1.60 -8.57
CA PHE B 52 9.79 1.81 -8.94
C PHE B 52 10.35 3.10 -8.33
N TYR B 53 9.53 4.14 -8.24
CA TYR B 53 9.98 5.39 -7.64
C TYR B 53 10.14 5.25 -6.14
N LYS B 54 9.26 4.47 -5.51
CA LYS B 54 9.40 4.21 -4.08
C LYS B 54 10.67 3.42 -3.80
N ASP B 55 11.00 2.46 -4.66
CA ASP B 55 12.24 1.69 -4.50
C ASP B 55 13.48 2.51 -4.84
N GLN B 56 13.36 3.46 -5.77
CA GLN B 56 14.46 4.31 -6.20
C GLN B 56 14.64 5.57 -5.36
N LEU B 57 13.72 5.86 -4.44
CA LEU B 57 13.86 7.04 -3.60
C LEU B 57 15.08 6.94 -2.69
N ASP B 58 15.38 5.73 -2.21
CA ASP B 58 16.59 5.57 -1.41
C ASP B 58 17.88 5.59 -2.24
N LYS B 59 17.81 5.52 -3.58
CA LYS B 59 19.06 5.55 -4.34
C LYS B 59 18.84 6.21 -5.70
N ARG B 60 18.78 7.55 -5.68
CA ARG B 60 18.75 8.41 -6.87
C ARG B 60 19.50 7.86 -8.08
N ASP B 61 18.81 7.13 -8.96
CA ASP B 61 19.46 6.57 -10.13
C ASP B 61 18.62 6.90 -11.36
N ILE B 62 19.23 6.74 -12.52
CA ILE B 62 18.51 6.88 -13.78
C ILE B 62 17.66 5.63 -13.96
N VAL B 63 16.42 5.82 -14.45
CA VAL B 63 15.46 4.72 -14.38
C VAL B 63 15.95 3.52 -15.16
N HIS B 64 16.60 3.75 -16.30
CA HIS B 64 17.07 2.72 -17.23
C HIS B 64 16.29 1.41 -17.12
N LEU B 65 14.97 1.52 -16.94
CA LEU B 65 14.14 0.33 -16.81
C LEU B 65 13.98 -0.37 -18.15
N ASN B 66 14.12 -1.70 -18.12
CA ASN B 66 14.00 -2.51 -19.32
C ASN B 66 13.09 -3.70 -19.03
N SER B 67 12.18 -3.98 -19.95
CA SER B 67 11.32 -5.16 -19.88
C SER B 67 11.45 -5.95 -21.17
N ASP B 68 11.61 -7.27 -21.05
CA ASP B 68 11.73 -8.12 -22.22
C ASP B 68 10.36 -8.32 -22.86
N ILE B 69 10.35 -8.48 -24.18
CA ILE B 69 9.14 -8.72 -24.96
C ILE B 69 8.08 -7.66 -24.65
N VAL B 70 8.53 -6.45 -24.39
CA VAL B 70 7.65 -5.28 -24.23
C VAL B 70 7.99 -4.33 -25.37
N THR B 71 7.12 -4.27 -26.38
CA THR B 71 7.34 -3.48 -27.59
C THR B 71 7.60 -2.01 -27.27
N ALA B 72 8.79 -1.54 -27.62
CA ALA B 72 9.13 -0.14 -27.41
C ALA B 72 8.24 0.85 -28.17
N PRO B 73 7.85 0.60 -29.44
CA PRO B 73 6.85 1.48 -30.06
C PRO B 73 5.58 1.58 -29.24
N ALA B 74 5.17 0.48 -28.61
CA ALA B 74 4.02 0.51 -27.74
C ALA B 74 4.28 1.42 -26.54
N PHE B 75 5.50 1.40 -26.02
CA PHE B 75 5.84 2.30 -24.91
C PHE B 75 5.77 3.77 -25.32
N ALA B 76 6.29 4.09 -26.51
CA ALA B 76 6.21 5.47 -26.99
C ALA B 76 4.78 5.91 -27.22
N LEU B 77 3.98 5.04 -27.84
CA LEU B 77 2.57 5.33 -28.04
C LEU B 77 1.85 5.47 -26.71
N LEU B 78 2.27 4.70 -25.71
CA LEU B 78 1.63 4.77 -24.40
C LEU B 78 1.95 6.09 -23.69
N LEU B 79 3.20 6.54 -23.77
CA LEU B 79 3.52 7.84 -23.17
C LEU B 79 2.74 8.97 -23.87
N GLU B 80 2.74 8.97 -25.21
CA GLU B 80 2.07 10.03 -25.94
C GLU B 80 0.56 10.02 -25.68
N PHE B 81 -0.07 8.84 -25.74
CA PHE B 81 -1.49 8.73 -25.43
C PHE B 81 -1.78 8.99 -23.96
N MET B 82 -0.81 8.74 -23.08
CA MET B 82 -0.91 9.11 -21.68
C MET B 82 -1.01 10.62 -21.54
N TYR B 83 -0.45 11.35 -22.49
CA TYR B 83 -0.65 12.79 -22.48
C TYR B 83 -1.75 13.22 -23.43
N GLU B 84 -2.40 12.26 -24.10
CA GLU B 84 -3.42 12.53 -25.10
C GLU B 84 -4.75 11.84 -24.78
N GLY B 85 -4.73 10.53 -24.56
CA GLY B 85 -5.98 9.80 -24.35
C GLY B 85 -6.75 9.67 -25.65
N LYS B 86 -8.08 9.70 -25.52
CA LYS B 86 -9.01 9.84 -26.65
C LYS B 86 -9.01 8.62 -27.57
N LEU B 87 -8.79 7.44 -27.00
CA LEU B 87 -8.88 6.15 -27.72
C LEU B 87 -8.05 6.16 -29.00
N GLN B 88 -6.74 6.30 -28.84
CA GLN B 88 -5.81 6.23 -29.96
C GLN B 88 -5.36 4.79 -30.17
N PHE B 89 -5.40 4.34 -31.42
CA PHE B 89 -5.00 2.98 -31.78
C PHE B 89 -3.71 2.93 -32.57
N LYS B 90 -3.51 3.86 -33.51
CA LYS B 90 -2.26 4.06 -34.23
C LYS B 90 -1.83 2.83 -35.04
N ASP B 91 -2.78 1.98 -35.44
CA ASP B 91 -2.55 0.90 -36.40
C ASP B 91 -1.54 -0.14 -35.92
N LEU B 92 -1.08 -0.05 -34.66
CA LEU B 92 -0.12 -1.02 -34.13
C LEU B 92 -0.86 -2.25 -33.61
N PRO B 93 -0.21 -3.42 -33.61
CA PRO B 93 -0.88 -4.64 -33.12
C PRO B 93 -1.27 -4.52 -31.66
N ILE B 94 -2.56 -4.76 -31.39
CA ILE B 94 -3.09 -4.65 -30.04
C ILE B 94 -2.41 -5.61 -29.07
N GLU B 95 -1.82 -6.69 -29.57
CA GLU B 95 -1.19 -7.67 -28.70
C GLU B 95 -0.08 -7.04 -27.87
N ASP B 96 0.95 -6.51 -28.54
CA ASP B 96 2.06 -5.88 -27.83
C ASP B 96 1.59 -4.70 -26.98
N VAL B 97 0.55 -4.00 -27.43
CA VAL B 97 0.02 -2.86 -26.68
C VAL B 97 -0.53 -3.33 -25.33
N LEU B 98 -1.42 -4.32 -25.36
CA LEU B 98 -1.99 -4.85 -24.13
C LEU B 98 -0.92 -5.47 -23.24
N ALA B 99 0.07 -6.14 -23.85
CA ALA B 99 1.14 -6.74 -23.06
C ALA B 99 1.95 -5.69 -22.31
N ALA B 100 2.36 -4.63 -23.00
CA ALA B 100 3.11 -3.56 -22.35
C ALA B 100 2.25 -2.86 -21.31
N ALA B 101 0.98 -2.58 -21.64
CA ALA B 101 0.09 -1.93 -20.69
C ALA B 101 -0.07 -2.76 -19.42
N SER B 102 -0.14 -4.08 -19.55
CA SER B 102 -0.26 -4.94 -18.39
C SER B 102 1.04 -4.96 -17.60
N TYR B 103 2.19 -5.01 -18.28
CA TYR B 103 3.46 -5.01 -17.58
C TYR B 103 3.67 -3.71 -16.81
N LEU B 104 3.23 -2.59 -17.38
CA LEU B 104 3.33 -1.29 -16.74
C LEU B 104 2.23 -1.02 -15.71
N HIS B 105 1.24 -1.91 -15.59
CA HIS B 105 0.09 -1.69 -14.72
C HIS B 105 -0.66 -0.40 -15.08
N MET B 106 -0.78 -0.12 -16.37
CA MET B 106 -1.43 1.07 -16.86
C MET B 106 -2.94 1.03 -16.54
N TYR B 107 -3.61 2.14 -16.87
CA TYR B 107 -5.06 2.24 -16.68
C TYR B 107 -5.78 1.08 -17.34
N ASP B 108 -6.67 0.45 -16.59
CA ASP B 108 -7.34 -0.76 -17.07
C ASP B 108 -8.11 -0.49 -18.35
N ILE B 109 -8.55 0.75 -18.54
CA ILE B 109 -9.33 1.12 -19.73
C ILE B 109 -8.56 0.78 -21.00
N VAL B 110 -7.22 0.82 -20.96
CA VAL B 110 -6.43 0.46 -22.13
C VAL B 110 -6.71 -0.97 -22.54
N LYS B 111 -6.50 -1.91 -21.60
CA LYS B 111 -6.76 -3.31 -21.89
C LYS B 111 -8.22 -3.55 -22.19
N VAL B 112 -9.12 -2.78 -21.59
CA VAL B 112 -10.54 -2.94 -21.85
C VAL B 112 -10.87 -2.59 -23.30
N CYS B 113 -10.33 -1.47 -23.79
CA CYS B 113 -10.53 -1.09 -25.18
C CYS B 113 -9.88 -2.08 -26.12
N LYS B 114 -8.72 -2.61 -25.74
CA LYS B 114 -8.10 -3.66 -26.54
C LYS B 114 -9.01 -4.88 -26.65
N LYS B 115 -9.62 -5.28 -25.53
CA LYS B 115 -10.53 -6.42 -25.54
C LYS B 115 -11.77 -6.12 -26.37
N LYS B 116 -12.28 -4.90 -26.29
CA LYS B 116 -13.46 -4.52 -27.08
C LYS B 116 -13.15 -4.55 -28.57
N LEU B 117 -11.95 -4.09 -28.95
CA LEU B 117 -11.56 -4.16 -30.36
C LEU B 117 -11.34 -5.61 -30.80
N LYS B 118 -10.80 -6.44 -29.90
CA LYS B 118 -10.63 -7.86 -30.24
C LYS B 118 -11.95 -8.59 -30.34
N GLU B 119 -12.97 -8.12 -29.62
CA GLU B 119 -14.29 -8.72 -29.66
C GLU B 119 -15.16 -8.20 -30.79
N LYS B 120 -14.89 -6.98 -31.29
CA LYS B 120 -15.64 -6.49 -32.43
C LYS B 120 -15.34 -7.27 -33.71
N ALA B 121 -14.11 -7.77 -33.84
CA ALA B 121 -13.72 -8.53 -35.03
C ALA B 121 -14.45 -9.87 -35.10
N PHE C 3 10.60 -14.36 35.98
CA PHE C 3 10.21 -14.48 34.58
C PHE C 3 9.19 -13.42 34.13
N PRO C 4 8.09 -13.22 34.88
CA PRO C 4 7.11 -12.19 34.46
C PRO C 4 7.60 -10.80 34.84
N ASP C 5 8.29 -10.73 35.97
CA ASP C 5 8.94 -9.48 36.38
C ASP C 5 9.92 -9.03 35.32
N HIS C 6 10.52 -9.97 34.58
CA HIS C 6 11.39 -9.60 33.46
C HIS C 6 10.60 -8.89 32.36
N SER C 7 9.37 -9.34 32.11
CA SER C 7 8.53 -8.67 31.12
C SER C 7 8.13 -7.27 31.58
N ARG C 8 7.72 -7.16 32.86
CA ARG C 8 7.36 -5.84 33.38
C ARG C 8 8.56 -4.89 33.37
N HIS C 9 9.76 -5.40 33.67
CA HIS C 9 10.95 -4.56 33.68
C HIS C 9 11.38 -4.18 32.26
N LEU C 10 11.22 -5.09 31.31
CA LEU C 10 11.49 -4.73 29.92
C LEU C 10 10.49 -3.67 29.44
N LEU C 11 9.24 -3.76 29.89
CA LEU C 11 8.26 -2.71 29.59
C LEU C 11 8.66 -1.39 30.20
N GLN C 12 9.13 -1.41 31.45
CA GLN C 12 9.59 -0.18 32.08
C GLN C 12 10.81 0.41 31.35
N CYS C 13 11.71 -0.46 30.89
CA CYS C 13 12.89 0.00 30.16
C CYS C 13 12.51 0.60 28.81
N LEU C 14 11.52 0.00 28.13
CA LEU C 14 11.03 0.58 26.89
C LEU C 14 10.34 1.92 27.15
N SER C 15 9.63 2.04 28.28
CA SER C 15 9.04 3.32 28.62
C SER C 15 10.10 4.37 28.88
N GLU C 16 11.20 3.98 29.53
CA GLU C 16 12.31 4.91 29.76
C GLU C 16 13.00 5.29 28.45
N GLN C 17 13.14 4.33 27.54
CA GLN C 17 13.72 4.62 26.22
C GLN C 17 12.82 5.54 25.41
N ARG C 18 11.50 5.42 25.57
CA ARG C 18 10.58 6.31 24.89
C ARG C 18 10.54 7.70 25.52
N HIS C 19 10.74 7.78 26.84
CA HIS C 19 10.81 9.08 27.50
C HIS C 19 12.12 9.80 27.22
N GLN C 20 13.21 9.04 27.02
CA GLN C 20 14.49 9.67 26.69
C GLN C 20 14.59 9.96 25.19
N GLY C 21 14.15 9.02 24.35
CA GLY C 21 14.14 9.21 22.91
C GLY C 21 15.03 8.27 22.13
N PHE C 22 15.56 7.24 22.79
CA PHE C 22 16.45 6.29 22.14
C PHE C 22 15.66 5.30 21.28
N LEU C 23 16.04 5.18 20.01
CA LEU C 23 15.42 4.26 19.05
C LEU C 23 13.92 4.56 18.89
N CYS C 24 13.66 5.74 18.32
CA CYS C 24 12.31 6.22 18.05
C CYS C 24 11.97 5.97 16.58
N ASP C 25 11.38 4.79 16.31
CA ASP C 25 11.05 4.44 14.93
C ASP C 25 9.95 5.32 14.34
N CYS C 26 9.26 6.11 15.15
CA CYS C 26 8.20 7.00 14.71
C CYS C 26 8.28 8.30 15.49
N THR C 27 7.77 9.37 14.89
CA THR C 27 7.69 10.68 15.55
C THR C 27 6.33 11.30 15.26
N VAL C 28 5.40 11.15 16.21
CA VAL C 28 4.04 11.64 16.08
C VAL C 28 3.93 12.98 16.79
N LEU C 29 3.37 13.97 16.12
CA LEU C 29 3.22 15.30 16.69
C LEU C 29 1.79 15.77 16.42
N VAL C 30 0.97 15.83 17.47
CA VAL C 30 -0.42 16.22 17.31
C VAL C 30 -0.57 17.74 17.31
N GLY C 31 -0.09 18.39 18.36
CA GLY C 31 -0.22 19.82 18.47
C GLY C 31 1.10 20.52 18.20
N ASP C 32 1.39 21.58 18.96
CA ASP C 32 2.68 22.25 18.85
C ASP C 32 3.83 21.38 19.33
N ALA C 33 3.57 20.48 20.28
CA ALA C 33 4.59 19.59 20.80
C ALA C 33 4.76 18.38 19.87
N GLN C 34 5.93 17.75 19.95
CA GLN C 34 6.30 16.63 19.10
C GLN C 34 6.81 15.51 19.99
N PHE C 35 6.11 14.37 19.98
CA PHE C 35 6.52 13.19 20.72
C PHE C 35 7.13 12.17 19.76
N ARG C 36 8.22 11.56 20.18
CA ARG C 36 8.91 10.58 19.36
C ARG C 36 9.09 9.31 20.19
N ALA C 37 8.89 8.16 19.56
CA ALA C 37 9.03 6.88 20.25
C ALA C 37 9.05 5.78 19.21
N HIS C 38 9.07 4.54 19.67
CA HIS C 38 9.18 3.41 18.76
C HIS C 38 7.88 3.22 17.99
N ARG C 39 8.01 3.00 16.67
CA ARG C 39 6.82 2.76 15.87
C ARG C 39 6.19 1.43 16.25
N ALA C 40 7.02 0.41 16.49
CA ALA C 40 6.52 -0.90 16.86
C ALA C 40 5.77 -0.87 18.18
N VAL C 41 6.12 0.05 19.08
CA VAL C 41 5.40 0.18 20.34
C VAL C 41 3.96 0.61 20.10
N LEU C 42 3.79 1.71 19.36
CA LEU C 42 2.45 2.16 19.00
C LEU C 42 1.71 1.13 18.17
N ALA C 43 2.42 0.37 17.34
CA ALA C 43 1.77 -0.66 16.52
C ALA C 43 1.21 -1.77 17.39
N SER C 44 2.03 -2.28 18.31
CA SER C 44 1.57 -3.32 19.23
C SER C 44 0.46 -2.79 20.13
N CYS C 45 0.44 -1.48 20.38
CA CYS C 45 -0.58 -0.91 21.26
C CYS C 45 -1.91 -0.66 20.54
N SER C 46 -1.87 -0.07 19.35
CA SER C 46 -3.08 0.41 18.68
C SER C 46 -3.21 -0.20 17.30
N MET C 47 -4.42 -0.67 16.97
CA MET C 47 -4.65 -1.24 15.64
C MET C 47 -4.67 -0.16 14.56
N TYR C 48 -5.10 1.06 14.89
CA TYR C 48 -5.00 2.15 13.93
C TYR C 48 -3.55 2.46 13.62
N PHE C 49 -2.69 2.43 14.63
CA PHE C 49 -1.26 2.51 14.39
C PHE C 49 -0.79 1.32 13.58
N HIS C 50 -1.41 0.15 13.76
CA HIS C 50 -1.04 -1.01 12.96
C HIS C 50 -1.37 -0.80 11.49
N LEU C 51 -2.50 -0.17 11.20
CA LEU C 51 -2.85 0.11 9.80
C LEU C 51 -1.93 1.18 9.22
N PHE C 52 -1.61 2.21 10.01
CA PHE C 52 -0.65 3.22 9.54
C PHE C 52 0.71 2.59 9.27
N TYR C 53 1.12 1.62 10.10
CA TYR C 53 2.40 0.95 9.91
C TYR C 53 2.35 0.04 8.69
N LYS C 54 1.20 -0.57 8.41
CA LYS C 54 1.05 -1.39 7.21
C LYS C 54 1.12 -0.53 5.95
N ASP C 55 0.54 0.68 5.99
CA ASP C 55 0.62 1.57 4.85
C ASP C 55 2.01 2.17 4.68
N GLN C 56 2.74 2.41 5.78
CA GLN C 56 4.06 3.00 5.72
C GLN C 56 5.21 2.00 5.60
N LEU C 57 4.96 0.70 5.78
CA LEU C 57 6.06 -0.26 5.67
C LEU C 57 6.57 -0.37 4.23
N ASP C 58 5.67 -0.38 3.24
CA ASP C 58 6.05 -0.36 1.83
C ASP C 58 6.47 1.03 1.36
N LYS C 59 6.26 2.07 2.18
CA LYS C 59 6.58 3.45 1.82
C LYS C 59 7.76 4.02 2.59
N ARG C 60 8.16 3.42 3.72
CA ARG C 60 9.35 3.83 4.47
C ARG C 60 9.25 5.27 4.98
N ASP C 61 8.04 5.70 5.31
CA ASP C 61 7.78 7.06 5.76
C ASP C 61 7.65 7.14 7.28
N ILE C 62 8.07 8.29 7.82
CA ILE C 62 7.85 8.60 9.24
C ILE C 62 6.40 9.03 9.38
N VAL C 63 5.81 8.77 10.55
CA VAL C 63 4.36 8.91 10.67
C VAL C 63 3.91 10.35 10.48
N HIS C 64 4.61 11.30 11.12
CA HIS C 64 4.22 12.71 11.17
C HIS C 64 2.72 12.89 10.94
N LEU C 65 1.91 12.32 11.83
CA LEU C 65 0.46 12.31 11.68
C LEU C 65 -0.22 13.10 12.77
N ASN C 66 -1.23 13.88 12.38
CA ASN C 66 -2.02 14.73 13.27
C ASN C 66 -3.50 14.51 12.93
N SER C 67 -4.35 14.44 13.97
CA SER C 67 -5.79 14.35 13.79
C SER C 67 -6.46 15.51 14.50
N ASP C 68 -7.45 16.12 13.82
CA ASP C 68 -8.09 17.31 14.37
C ASP C 68 -9.02 16.92 15.53
N ILE C 69 -9.14 17.85 16.48
CA ILE C 69 -9.97 17.71 17.67
C ILE C 69 -9.65 16.42 18.39
N VAL C 70 -8.38 16.02 18.36
CA VAL C 70 -7.86 14.93 19.17
C VAL C 70 -6.85 15.57 20.11
N THR C 71 -7.24 15.74 21.37
CA THR C 71 -6.43 16.47 22.35
C THR C 71 -5.03 15.88 22.45
N ALA C 72 -4.03 16.70 22.13
CA ALA C 72 -2.65 16.24 22.22
C ALA C 72 -2.25 15.82 23.63
N PRO C 73 -2.62 16.54 24.70
CA PRO C 73 -2.40 15.98 26.05
C PRO C 73 -3.02 14.61 26.23
N ALA C 74 -4.21 14.40 25.66
CA ALA C 74 -4.83 13.08 25.72
C ALA C 74 -4.00 12.05 24.96
N PHE C 75 -3.40 12.46 23.84
CA PHE C 75 -2.54 11.53 23.10
C PHE C 75 -1.31 11.13 23.92
N ALA C 76 -0.71 12.11 24.61
CA ALA C 76 0.44 11.79 25.47
C ALA C 76 0.02 10.90 26.62
N LEU C 77 -1.14 11.19 27.21
CA LEU C 77 -1.67 10.34 28.27
C LEU C 77 -1.95 8.93 27.76
N LEU C 78 -2.37 8.80 26.50
CA LEU C 78 -2.64 7.49 25.93
C LEU C 78 -1.36 6.70 25.71
N LEU C 79 -0.31 7.35 25.19
CA LEU C 79 0.97 6.66 25.08
C LEU C 79 1.47 6.21 26.46
N GLU C 80 1.34 7.09 27.44
CA GLU C 80 1.75 6.74 28.79
C GLU C 80 0.92 5.59 29.34
N PHE C 81 -0.40 5.62 29.11
CA PHE C 81 -1.26 4.53 29.58
C PHE C 81 -0.93 3.22 28.87
N MET C 82 -0.43 3.30 27.63
CA MET C 82 0.12 2.10 27.01
C MET C 82 1.33 1.61 27.78
N TYR C 83 2.11 2.54 28.34
CA TYR C 83 3.27 2.21 29.17
C TYR C 83 3.03 2.41 30.67
N GLU C 84 1.78 2.33 31.14
CA GLU C 84 1.50 2.59 32.55
C GLU C 84 0.12 2.07 32.93
N GLY C 85 -0.24 2.29 34.21
CA GLY C 85 -1.34 1.58 34.83
C GLY C 85 -2.71 2.17 34.56
N LYS C 86 -3.72 1.39 34.93
CA LYS C 86 -5.11 1.75 34.70
C LYS C 86 -5.55 2.84 35.66
N LEU C 87 -6.61 3.56 35.26
CA LEU C 87 -7.29 4.60 36.04
C LEU C 87 -6.45 5.85 36.21
N GLN C 88 -5.49 6.10 35.31
CA GLN C 88 -4.72 7.34 35.33
C GLN C 88 -5.48 8.44 34.60
N PHE C 89 -6.78 8.61 34.92
CA PHE C 89 -7.59 9.59 34.22
C PHE C 89 -7.08 11.00 34.46
N LYS C 90 -6.77 11.33 35.72
CA LYS C 90 -6.10 12.58 36.08
C LYS C 90 -6.95 13.80 35.71
N ASP C 91 -8.22 13.80 36.14
CA ASP C 91 -9.12 14.96 36.09
C ASP C 91 -9.41 15.46 34.68
N LEU C 92 -9.00 14.75 33.65
CA LEU C 92 -9.27 15.25 32.31
C LEU C 92 -10.69 14.86 31.84
N PRO C 93 -11.28 15.66 30.95
CA PRO C 93 -12.64 15.34 30.48
C PRO C 93 -12.68 14.00 29.74
N ILE C 94 -13.58 13.12 30.19
CA ILE C 94 -13.70 11.81 29.56
C ILE C 94 -14.04 11.95 28.09
N GLU C 95 -14.63 13.09 27.71
CA GLU C 95 -15.03 13.31 26.32
C GLU C 95 -13.84 13.33 25.38
N ASP C 96 -12.93 14.29 25.55
CA ASP C 96 -11.78 14.39 24.64
C ASP C 96 -10.91 13.14 24.72
N VAL C 97 -10.82 12.53 25.90
CA VAL C 97 -10.02 11.33 26.08
C VAL C 97 -10.60 10.18 25.27
N LEU C 98 -11.89 9.92 25.44
CA LEU C 98 -12.56 8.88 24.66
C LEU C 98 -12.51 9.19 23.17
N ALA C 99 -12.61 10.47 22.80
CA ALA C 99 -12.53 10.84 21.39
C ALA C 99 -11.19 10.44 20.80
N ALA C 100 -10.10 10.76 21.51
CA ALA C 100 -8.78 10.35 21.05
C ALA C 100 -8.66 8.83 21.02
N ALA C 101 -9.19 8.16 22.05
CA ALA C 101 -9.12 6.70 22.09
C ALA C 101 -9.83 6.08 20.89
N SER C 102 -10.95 6.66 20.48
CA SER C 102 -11.68 6.14 19.32
C SER C 102 -10.95 6.45 18.03
N TYR C 103 -10.42 7.66 17.90
CA TYR C 103 -9.68 8.02 16.69
C TYR C 103 -8.45 7.15 16.53
N LEU C 104 -7.78 6.82 17.63
CA LEU C 104 -6.62 5.95 17.63
C LEU C 104 -6.98 4.47 17.61
N HIS C 105 -8.27 4.13 17.71
CA HIS C 105 -8.71 2.73 17.82
C HIS C 105 -8.05 2.03 19.00
N MET C 106 -7.90 2.77 20.10
CA MET C 106 -7.25 2.27 21.30
C MET C 106 -8.05 1.15 21.95
N TYR C 107 -7.46 0.56 23.00
CA TYR C 107 -8.12 -0.47 23.79
C TYR C 107 -9.47 0.02 24.29
N ASP C 108 -10.51 -0.81 24.06
CA ASP C 108 -11.88 -0.41 24.37
C ASP C 108 -12.08 -0.15 25.86
N ILE C 109 -11.31 -0.82 26.72
CA ILE C 109 -11.47 -0.64 28.17
C ILE C 109 -11.26 0.81 28.57
N VAL C 110 -10.40 1.54 27.85
CA VAL C 110 -10.19 2.96 28.13
C VAL C 110 -11.49 3.73 27.96
N LYS C 111 -12.12 3.61 26.78
CA LYS C 111 -13.38 4.28 26.53
C LYS C 111 -14.50 3.78 27.44
N VAL C 112 -14.44 2.51 27.84
CA VAL C 112 -15.46 1.98 28.75
C VAL C 112 -15.34 2.66 30.12
N CYS C 113 -14.12 2.77 30.63
CA CYS C 113 -13.92 3.49 31.88
C CYS C 113 -14.26 4.97 31.74
N LYS C 114 -13.99 5.55 30.58
CA LYS C 114 -14.39 6.93 30.32
C LYS C 114 -15.91 7.09 30.39
N LYS C 115 -16.65 6.15 29.80
CA LYS C 115 -18.11 6.22 29.85
C LYS C 115 -18.62 6.02 31.26
N LYS C 116 -18.00 5.11 32.01
CA LYS C 116 -18.41 4.89 33.40
C LYS C 116 -18.16 6.12 34.25
N LEU C 117 -17.02 6.79 34.05
CA LEU C 117 -16.73 8.02 34.79
C LEU C 117 -17.64 9.17 34.37
N LYS C 118 -17.99 9.24 33.08
CA LYS C 118 -18.91 10.28 32.61
C LYS C 118 -20.33 10.04 33.12
N GLU C 119 -20.69 8.79 33.39
CA GLU C 119 -21.98 8.48 33.97
C GLU C 119 -21.99 8.55 35.49
N LYS C 120 -20.82 8.53 36.13
CA LYS C 120 -20.71 8.64 37.58
C LYS C 120 -20.78 10.07 38.08
N ALA C 121 -20.73 11.07 37.19
CA ALA C 121 -20.80 12.46 37.59
C ALA C 121 -22.23 12.87 37.97
N PHE D 3 -4.34 -3.24 34.55
CA PHE D 3 -3.17 -2.37 34.48
C PHE D 3 -1.86 -3.11 34.11
N PRO D 4 -1.54 -4.24 34.80
CA PRO D 4 -0.31 -4.98 34.46
C PRO D 4 -0.48 -5.85 33.23
N ASP D 5 -1.70 -6.36 33.07
CA ASP D 5 -2.04 -7.12 31.87
C ASP D 5 -1.82 -6.30 30.61
N HIS D 6 -1.95 -4.97 30.67
CA HIS D 6 -1.64 -4.15 29.50
C HIS D 6 -0.16 -4.22 29.14
N SER D 7 0.72 -4.21 30.15
CA SER D 7 2.15 -4.35 29.87
C SER D 7 2.46 -5.74 29.33
N ARG D 8 1.91 -6.79 29.96
CA ARG D 8 2.16 -8.14 29.49
C ARG D 8 1.62 -8.36 28.08
N HIS D 9 0.46 -7.78 27.76
CA HIS D 9 -0.11 -7.91 26.43
C HIS D 9 0.68 -7.11 25.41
N LEU D 10 1.19 -5.94 25.79
CA LEU D 10 2.07 -5.21 24.88
C LEU D 10 3.33 -5.99 24.60
N LEU D 11 3.86 -6.68 25.61
CA LEU D 11 5.01 -7.55 25.39
C LEU D 11 4.66 -8.71 24.46
N GLN D 12 3.50 -9.32 24.65
CA GLN D 12 3.09 -10.42 23.77
C GLN D 12 2.88 -9.94 22.34
N CYS D 13 2.31 -8.73 22.18
CA CYS D 13 2.10 -8.18 20.85
C CYS D 13 3.43 -7.84 20.19
N LEU D 14 4.40 -7.35 20.96
CA LEU D 14 5.73 -7.11 20.43
C LEU D 14 6.41 -8.41 20.02
N SER D 15 6.19 -9.48 20.78
CA SER D 15 6.75 -10.78 20.40
C SER D 15 6.10 -11.31 19.13
N GLU D 16 4.80 -11.12 18.97
CA GLU D 16 4.12 -11.53 17.75
C GLU D 16 4.57 -10.71 16.55
N GLN D 17 4.78 -9.40 16.74
CA GLN D 17 5.30 -8.55 15.68
C GLN D 17 6.73 -8.89 15.32
N ARG D 18 7.53 -9.32 16.30
CA ARG D 18 8.90 -9.73 16.01
C ARG D 18 8.94 -11.07 15.30
N HIS D 19 7.99 -11.95 15.60
CA HIS D 19 7.88 -13.20 14.86
C HIS D 19 7.35 -12.96 13.45
N GLN D 20 6.49 -11.96 13.28
CA GLN D 20 5.98 -11.64 11.96
C GLN D 20 6.94 -10.75 11.18
N GLY D 21 7.53 -9.75 11.83
CA GLY D 21 8.51 -8.90 11.19
C GLY D 21 8.15 -7.44 11.01
N PHE D 22 7.08 -6.96 11.64
CA PHE D 22 6.67 -5.57 11.45
C PHE D 22 7.63 -4.63 12.17
N LEU D 23 8.19 -3.68 11.42
CA LEU D 23 9.11 -2.67 11.96
C LEU D 23 10.29 -3.35 12.65
N CYS D 24 11.07 -4.06 11.85
CA CYS D 24 12.27 -4.77 12.32
C CYS D 24 13.47 -3.89 12.00
N ASP D 25 13.82 -3.01 12.94
CA ASP D 25 14.92 -2.07 12.79
C ASP D 25 16.30 -2.73 12.78
N CYS D 26 16.40 -4.01 13.14
CA CYS D 26 17.70 -4.65 13.22
C CYS D 26 17.63 -6.08 12.67
N THR D 27 18.79 -6.55 12.19
CA THR D 27 18.96 -7.92 11.73
C THR D 27 20.31 -8.41 12.22
N VAL D 28 20.31 -9.15 13.33
CA VAL D 28 21.50 -9.68 13.97
C VAL D 28 21.70 -11.11 13.51
N LEU D 29 22.92 -11.44 13.07
CA LEU D 29 23.22 -12.76 12.51
C LEU D 29 24.35 -13.36 13.31
N VAL D 30 24.05 -14.42 14.06
CA VAL D 30 25.05 -15.03 14.93
C VAL D 30 26.00 -15.90 14.12
N GLY D 31 25.45 -16.85 13.37
CA GLY D 31 26.26 -17.70 12.52
C GLY D 31 26.05 -17.32 11.07
N ASP D 32 25.98 -18.32 10.19
CA ASP D 32 25.60 -18.03 8.80
C ASP D 32 24.17 -17.53 8.76
N ALA D 33 23.33 -17.95 9.71
CA ALA D 33 21.94 -17.58 9.79
C ALA D 33 21.76 -16.19 10.39
N GLN D 34 20.62 -15.57 10.07
CA GLN D 34 20.34 -14.19 10.43
C GLN D 34 18.93 -14.09 11.03
N PHE D 35 18.85 -13.65 12.28
CA PHE D 35 17.58 -13.38 12.93
C PHE D 35 17.36 -11.87 12.97
N ARG D 36 16.15 -11.43 12.64
CA ARG D 36 15.85 -10.00 12.54
C ARG D 36 14.66 -9.66 13.42
N ALA D 37 14.74 -8.50 14.08
CA ALA D 37 13.70 -8.01 14.99
C ALA D 37 13.97 -6.53 15.25
N HIS D 38 13.21 -5.96 16.18
CA HIS D 38 13.36 -4.54 16.49
C HIS D 38 14.66 -4.28 17.24
N ARG D 39 15.34 -3.19 16.86
CA ARG D 39 16.60 -2.83 17.51
C ARG D 39 16.38 -2.39 18.95
N ALA D 40 15.30 -1.64 19.19
CA ALA D 40 15.02 -1.14 20.54
C ALA D 40 14.77 -2.28 21.52
N VAL D 41 14.26 -3.41 21.05
CA VAL D 41 14.06 -4.56 21.93
C VAL D 41 15.40 -5.08 22.45
N LEU D 42 16.34 -5.34 21.53
CA LEU D 42 17.67 -5.76 21.93
C LEU D 42 18.36 -4.71 22.79
N ALA D 43 18.08 -3.43 22.53
CA ALA D 43 18.69 -2.36 23.32
C ALA D 43 18.18 -2.40 24.76
N SER D 44 16.85 -2.48 24.91
CA SER D 44 16.27 -2.56 26.25
C SER D 44 16.69 -3.83 26.97
N CYS D 45 17.00 -4.89 26.22
CA CYS D 45 17.37 -6.18 26.83
C CYS D 45 18.83 -6.22 27.28
N SER D 46 19.76 -5.79 26.44
CA SER D 46 21.19 -5.99 26.69
C SER D 46 21.94 -4.67 26.65
N MET D 47 22.83 -4.46 27.63
CA MET D 47 23.64 -3.25 27.65
C MET D 47 24.71 -3.24 26.57
N TYR D 48 25.26 -4.41 26.22
CA TYR D 48 26.17 -4.46 25.07
C TYR D 48 25.42 -4.10 23.80
N PHE D 49 24.21 -4.62 23.67
CA PHE D 49 23.33 -4.22 22.59
C PHE D 49 23.00 -2.74 22.70
N HIS D 50 22.94 -2.19 23.91
CA HIS D 50 22.68 -0.76 24.08
C HIS D 50 23.82 0.10 23.55
N LEU D 51 25.08 -0.31 23.79
CA LEU D 51 26.18 0.48 23.27
C LEU D 51 26.28 0.36 21.75
N PHE D 52 26.12 -0.86 21.22
CA PHE D 52 26.09 -1.02 19.78
C PHE D 52 24.91 -0.26 19.17
N TYR D 53 23.80 -0.20 19.91
CA TYR D 53 22.61 0.50 19.44
C TYR D 53 22.83 2.01 19.43
N LYS D 54 23.58 2.54 20.39
CA LYS D 54 23.89 3.97 20.33
C LYS D 54 24.81 4.28 19.14
N ASP D 55 25.79 3.40 18.91
CA ASP D 55 26.72 3.62 17.80
C ASP D 55 26.04 3.50 16.45
N GLN D 56 25.03 2.63 16.34
CA GLN D 56 24.24 2.55 15.11
C GLN D 56 23.07 3.53 15.13
N LEU D 57 22.74 4.09 16.30
CA LEU D 57 21.69 5.09 16.43
C LEU D 57 22.09 6.40 15.80
N ASP D 58 23.37 6.75 15.89
CA ASP D 58 23.77 7.98 15.20
C ASP D 58 23.81 7.80 13.68
N LYS D 59 23.71 6.58 13.14
CA LYS D 59 23.75 6.42 11.68
C LYS D 59 22.95 5.19 11.24
N ARG D 60 21.64 5.35 11.09
CA ARG D 60 20.71 4.35 10.56
C ARG D 60 21.34 3.26 9.69
N ASP D 61 21.60 2.09 10.26
CA ASP D 61 22.24 1.02 9.51
C ASP D 61 21.64 -0.33 9.88
N ILE D 62 21.16 -1.04 8.85
CA ILE D 62 20.76 -2.44 8.99
C ILE D 62 21.77 -3.08 9.93
N VAL D 63 21.28 -3.62 11.06
CA VAL D 63 22.16 -3.88 12.20
C VAL D 63 23.37 -4.71 11.79
N HIS D 64 23.16 -5.68 10.87
CA HIS D 64 24.19 -6.60 10.42
C HIS D 64 25.25 -6.82 11.50
N LEU D 65 24.85 -7.45 12.61
CA LEU D 65 25.74 -7.67 13.73
C LEU D 65 25.96 -9.17 13.88
N ASN D 66 27.22 -9.55 14.05
CA ASN D 66 27.63 -10.94 14.15
C ASN D 66 28.58 -11.10 15.31
N SER D 67 28.42 -12.18 16.07
CA SER D 67 29.37 -12.54 17.12
C SER D 67 29.88 -13.95 16.84
N ASP D 68 31.20 -14.12 16.87
CA ASP D 68 31.80 -15.42 16.59
C ASP D 68 31.72 -16.34 17.79
N ILE D 69 31.63 -17.64 17.51
CA ILE D 69 31.63 -18.69 18.52
C ILE D 69 30.58 -18.39 19.59
N VAL D 70 29.48 -17.77 19.19
CA VAL D 70 28.31 -17.61 20.02
C VAL D 70 27.22 -18.44 19.35
N THR D 71 26.93 -19.60 19.94
CA THR D 71 26.04 -20.58 19.32
C THR D 71 24.73 -19.96 18.89
N ALA D 72 24.42 -20.04 17.59
CA ALA D 72 23.18 -19.48 17.10
C ALA D 72 21.96 -20.07 17.81
N PRO D 73 21.91 -21.37 18.13
CA PRO D 73 20.85 -21.86 19.03
C PRO D 73 20.81 -21.10 20.35
N ALA D 74 21.98 -20.76 20.91
CA ALA D 74 21.99 -19.97 22.13
C ALA D 74 21.44 -18.57 21.90
N PHE D 75 21.76 -17.96 20.74
CA PHE D 75 21.22 -16.63 20.44
C PHE D 75 19.70 -16.68 20.33
N ALA D 76 19.18 -17.72 19.68
CA ALA D 76 17.73 -17.87 19.59
C ALA D 76 17.10 -18.13 20.95
N LEU D 77 17.76 -18.95 21.78
CA LEU D 77 17.23 -19.18 23.13
C LEU D 77 17.24 -17.91 23.96
N LEU D 78 18.24 -17.05 23.77
CA LEU D 78 18.29 -15.80 24.52
C LEU D 78 17.21 -14.83 24.03
N LEU D 79 17.01 -14.76 22.71
CA LEU D 79 15.93 -13.94 22.18
C LEU D 79 14.58 -14.42 22.70
N GLU D 80 14.36 -15.74 22.71
CA GLU D 80 13.11 -16.29 23.22
C GLU D 80 12.95 -16.02 24.71
N PHE D 81 14.01 -16.20 25.49
CA PHE D 81 13.93 -15.95 26.92
C PHE D 81 13.67 -14.49 27.22
N MET D 82 14.10 -13.59 26.34
CA MET D 82 13.70 -12.20 26.47
C MET D 82 12.19 -12.04 26.33
N TYR D 83 11.56 -12.88 25.52
CA TYR D 83 10.11 -12.90 25.34
C TYR D 83 9.44 -14.11 26.01
N GLU D 84 10.03 -14.66 27.07
CA GLU D 84 9.47 -15.87 27.68
C GLU D 84 10.06 -16.06 29.07
N GLY D 85 9.76 -17.21 29.67
CA GLY D 85 9.94 -17.42 31.09
C GLY D 85 11.34 -17.83 31.49
N LYS D 86 11.48 -18.14 32.78
CA LYS D 86 12.75 -18.43 33.42
C LYS D 86 12.89 -19.93 33.67
N LEU D 87 14.12 -20.31 34.03
CA LEU D 87 14.51 -21.71 34.27
C LEU D 87 14.38 -22.57 33.01
N GLN D 88 14.68 -21.99 31.85
CA GLN D 88 14.62 -22.70 30.57
C GLN D 88 16.04 -23.14 30.21
N PHE D 89 16.39 -24.37 30.60
CA PHE D 89 17.70 -24.91 30.28
C PHE D 89 17.84 -25.27 28.80
N LYS D 90 16.74 -25.72 28.18
CA LYS D 90 16.66 -25.96 26.74
C LYS D 90 17.60 -27.06 26.24
N ASP D 91 18.00 -27.97 27.13
CA ASP D 91 18.80 -29.15 26.80
C ASP D 91 20.17 -28.82 26.22
N LEU D 92 20.53 -27.55 26.14
CA LEU D 92 21.84 -27.15 25.66
C LEU D 92 22.85 -27.13 26.80
N PRO D 93 24.13 -27.38 26.52
CA PRO D 93 25.13 -27.32 27.59
C PRO D 93 25.18 -25.93 28.20
N ILE D 94 25.10 -25.88 29.54
CA ILE D 94 25.06 -24.63 30.28
C ILE D 94 26.26 -23.77 29.93
N GLU D 95 27.34 -24.40 29.48
CA GLU D 95 28.54 -23.65 29.12
C GLU D 95 28.23 -22.63 28.03
N ASP D 96 27.79 -23.11 26.86
CA ASP D 96 27.47 -22.21 25.76
C ASP D 96 26.37 -21.22 26.13
N VAL D 97 25.43 -21.63 26.99
CA VAL D 97 24.36 -20.73 27.40
C VAL D 97 24.93 -19.54 28.17
N LEU D 98 25.72 -19.83 29.21
CA LEU D 98 26.34 -18.76 29.98
C LEU D 98 27.29 -17.94 29.11
N ALA D 99 28.00 -18.59 28.19
CA ALA D 99 28.92 -17.87 27.31
C ALA D 99 28.18 -16.85 26.47
N ALA D 100 27.06 -17.25 25.87
CA ALA D 100 26.27 -16.31 25.07
C ALA D 100 25.69 -15.21 25.95
N ALA D 101 25.18 -15.56 27.14
CA ALA D 101 24.61 -14.56 28.02
C ALA D 101 25.64 -13.49 28.38
N SER D 102 26.90 -13.91 28.57
CA SER D 102 27.96 -12.95 28.87
C SER D 102 28.35 -12.15 27.63
N TYR D 103 28.46 -12.80 26.47
CA TYR D 103 28.85 -12.11 25.25
C TYR D 103 27.83 -11.03 24.89
N LEU D 104 26.55 -11.31 25.12
CA LEU D 104 25.49 -10.33 24.92
C LEU D 104 25.37 -9.35 26.08
N HIS D 105 26.12 -9.56 27.15
CA HIS D 105 25.99 -8.77 28.38
C HIS D 105 24.58 -8.89 28.93
N MET D 106 24.00 -10.08 28.82
CA MET D 106 22.66 -10.33 29.31
C MET D 106 22.62 -10.21 30.83
N TYR D 107 21.41 -10.36 31.38
CA TYR D 107 21.21 -10.36 32.82
C TYR D 107 22.11 -11.39 33.48
N ASP D 108 22.81 -10.95 34.54
CA ASP D 108 23.79 -11.80 35.20
C ASP D 108 23.15 -13.06 35.77
N ILE D 109 21.85 -13.01 36.07
CA ILE D 109 21.16 -14.16 36.66
C ILE D 109 21.28 -15.39 35.77
N VAL D 110 21.43 -15.21 34.46
CA VAL D 110 21.61 -16.35 33.55
C VAL D 110 22.89 -17.10 33.91
N LYS D 111 24.01 -16.40 33.93
CA LYS D 111 25.28 -17.04 34.29
C LYS D 111 25.27 -17.52 35.74
N VAL D 112 24.54 -16.82 36.61
CA VAL D 112 24.44 -17.24 38.01
C VAL D 112 23.73 -18.58 38.12
N CYS D 113 22.64 -18.75 37.38
CA CYS D 113 21.95 -20.03 37.36
C CYS D 113 22.79 -21.11 36.71
N LYS D 114 23.57 -20.76 35.68
CA LYS D 114 24.50 -21.72 35.11
C LYS D 114 25.51 -22.20 36.15
N LYS D 115 26.04 -21.27 36.94
CA LYS D 115 26.99 -21.64 37.99
C LYS D 115 26.32 -22.47 39.07
N LYS D 116 25.07 -22.14 39.42
CA LYS D 116 24.34 -22.91 40.43
C LYS D 116 24.10 -24.34 39.96
N LEU D 117 23.75 -24.51 38.68
CA LEU D 117 23.56 -25.86 38.15
C LEU D 117 24.88 -26.61 38.06
N LYS D 118 25.96 -25.90 37.72
CA LYS D 118 27.28 -26.52 37.68
C LYS D 118 27.79 -26.92 39.05
N GLU D 119 27.35 -26.21 40.10
CA GLU D 119 27.72 -26.56 41.45
C GLU D 119 26.79 -27.61 42.05
N LYS D 120 25.56 -27.73 41.54
CA LYS D 120 24.68 -28.82 41.92
C LYS D 120 25.02 -30.12 41.19
N ALA D 121 25.75 -30.04 40.08
CA ALA D 121 26.17 -31.25 39.38
C ALA D 121 27.15 -32.10 40.17
N THR D 122 27.76 -31.54 41.22
CA THR D 122 28.71 -32.28 42.04
C THR D 122 28.01 -33.23 43.01
N PHE E 3 18.11 -39.38 -11.24
CA PHE E 3 18.43 -38.05 -10.71
C PHE E 3 17.48 -36.95 -11.21
N PRO E 4 17.24 -36.84 -12.54
CA PRO E 4 16.33 -35.78 -13.02
C PRO E 4 14.86 -36.12 -12.79
N ASP E 5 14.50 -37.40 -12.94
CA ASP E 5 13.15 -37.83 -12.60
C ASP E 5 12.83 -37.55 -11.14
N HIS E 6 13.85 -37.62 -10.27
CA HIS E 6 13.67 -37.23 -8.87
C HIS E 6 13.35 -35.75 -8.75
N SER E 7 13.99 -34.92 -9.58
CA SER E 7 13.69 -33.48 -9.58
C SER E 7 12.28 -33.22 -10.06
N ARG E 8 11.85 -33.90 -11.13
CA ARG E 8 10.48 -33.72 -11.61
C ARG E 8 9.47 -34.21 -10.58
N HIS E 9 9.76 -35.31 -9.89
CA HIS E 9 8.84 -35.82 -8.89
C HIS E 9 8.79 -34.92 -7.66
N LEU E 10 9.94 -34.35 -7.27
CA LEU E 10 9.95 -33.37 -6.20
C LEU E 10 9.17 -32.12 -6.60
N LEU E 11 9.26 -31.71 -7.86
CA LEU E 11 8.46 -30.60 -8.35
C LEU E 11 6.97 -30.92 -8.26
N GLN E 12 6.59 -32.14 -8.64
CA GLN E 12 5.20 -32.53 -8.55
C GLN E 12 4.71 -32.58 -7.11
N CYS E 13 5.55 -33.06 -6.19
CA CYS E 13 5.15 -33.12 -4.78
C CYS E 13 5.06 -31.73 -4.17
N LEU E 14 5.97 -30.83 -4.51
CA LEU E 14 5.88 -29.46 -4.03
C LEU E 14 4.68 -28.74 -4.62
N SER E 15 4.35 -29.02 -5.87
CA SER E 15 3.15 -28.45 -6.49
C SER E 15 1.89 -28.98 -5.82
N GLU E 16 1.89 -30.26 -5.47
CA GLU E 16 0.76 -30.83 -4.74
C GLU E 16 0.65 -30.22 -3.35
N GLN E 17 1.78 -29.97 -2.70
CA GLN E 17 1.77 -29.30 -1.39
C GLN E 17 1.28 -27.86 -1.49
N ARG E 18 1.57 -27.18 -2.60
CA ARG E 18 1.08 -25.82 -2.80
C ARG E 18 -0.41 -25.80 -3.14
N HIS E 19 -0.89 -26.83 -3.85
CA HIS E 19 -2.32 -26.94 -4.11
C HIS E 19 -3.09 -27.37 -2.87
N GLN E 20 -2.44 -28.14 -1.98
CA GLN E 20 -3.09 -28.58 -0.74
C GLN E 20 -3.07 -27.50 0.32
N GLY E 21 -1.98 -26.73 0.40
CA GLY E 21 -1.89 -25.64 1.35
C GLY E 21 -0.77 -25.75 2.36
N PHE E 22 0.12 -26.72 2.18
CA PHE E 22 1.25 -26.89 3.09
C PHE E 22 2.33 -25.87 2.78
N LEU E 23 2.72 -25.08 3.79
CA LEU E 23 3.77 -24.06 3.69
C LEU E 23 3.43 -23.04 2.59
N CYS E 24 2.35 -22.31 2.83
CA CYS E 24 1.90 -21.26 1.92
C CYS E 24 2.37 -19.92 2.49
N ASP E 25 3.60 -19.53 2.12
CA ASP E 25 4.14 -18.27 2.58
C ASP E 25 3.42 -17.07 1.97
N CYS E 26 2.61 -17.29 0.94
CA CYS E 26 1.89 -16.22 0.28
C CYS E 26 0.51 -16.70 -0.11
N THR E 27 -0.39 -15.74 -0.26
CA THR E 27 -1.75 -16.00 -0.76
C THR E 27 -2.09 -14.91 -1.77
N VAL E 28 -1.95 -15.21 -3.05
CA VAL E 28 -2.21 -14.22 -4.08
C VAL E 28 -3.66 -14.38 -4.52
N LEU E 29 -4.46 -13.37 -4.20
CA LEU E 29 -5.90 -13.38 -4.43
C LEU E 29 -6.27 -12.03 -5.02
N VAL E 30 -6.71 -12.03 -6.27
CA VAL E 30 -7.08 -10.77 -6.91
C VAL E 30 -8.45 -10.31 -6.46
N GLY E 31 -9.46 -11.16 -6.59
CA GLY E 31 -10.83 -10.82 -6.22
C GLY E 31 -11.28 -11.47 -4.93
N ASP E 32 -12.55 -11.88 -4.91
CA ASP E 32 -13.10 -12.57 -3.76
C ASP E 32 -12.47 -13.95 -3.55
N ALA E 33 -12.04 -14.60 -4.63
CA ALA E 33 -11.44 -15.91 -4.50
C ALA E 33 -10.00 -15.78 -4.04
N GLN E 34 -9.49 -16.86 -3.43
CA GLN E 34 -8.17 -16.84 -2.81
C GLN E 34 -7.38 -18.07 -3.25
N PHE E 35 -6.26 -17.84 -3.92
CA PHE E 35 -5.30 -18.89 -4.23
C PHE E 35 -4.08 -18.68 -3.34
N ARG E 36 -3.61 -19.75 -2.68
CA ARG E 36 -2.52 -19.66 -1.72
C ARG E 36 -1.45 -20.70 -2.03
N ALA E 37 -0.19 -20.31 -1.85
CA ALA E 37 0.94 -21.22 -2.12
C ALA E 37 2.20 -20.61 -1.50
N HIS E 38 3.34 -21.26 -1.74
CA HIS E 38 4.60 -20.78 -1.20
C HIS E 38 5.03 -19.52 -1.95
N ARG E 39 5.54 -18.54 -1.20
CA ARG E 39 5.98 -17.29 -1.81
C ARG E 39 7.18 -17.52 -2.71
N ALA E 40 8.11 -18.38 -2.28
CA ALA E 40 9.31 -18.63 -3.08
C ALA E 40 8.97 -19.24 -4.43
N VAL E 41 7.88 -20.01 -4.51
CA VAL E 41 7.48 -20.58 -5.80
C VAL E 41 7.05 -19.48 -6.76
N LEU E 42 6.12 -18.62 -6.33
CA LEU E 42 5.70 -17.52 -7.16
C LEU E 42 6.86 -16.60 -7.51
N ALA E 43 7.83 -16.48 -6.60
CA ALA E 43 9.00 -15.66 -6.87
C ALA E 43 9.87 -16.28 -7.97
N SER E 44 10.15 -17.57 -7.85
CA SER E 44 10.96 -18.26 -8.86
C SER E 44 10.25 -18.29 -10.20
N CYS E 45 8.92 -18.22 -10.20
CA CYS E 45 8.18 -18.26 -11.46
C CYS E 45 8.15 -16.90 -12.14
N SER E 46 7.82 -15.85 -11.39
CA SER E 46 7.56 -14.53 -11.95
C SER E 46 8.46 -13.49 -11.31
N MET E 47 9.06 -12.62 -12.13
CA MET E 47 9.87 -11.54 -11.61
C MET E 47 9.03 -10.45 -10.96
N TYR E 48 7.80 -10.22 -11.44
CA TYR E 48 6.93 -9.25 -10.80
C TYR E 48 6.61 -9.66 -9.37
N PHE E 49 6.39 -10.95 -9.16
CA PHE E 49 6.27 -11.44 -7.79
C PHE E 49 7.54 -11.20 -7.01
N HIS E 50 8.71 -11.24 -7.67
CA HIS E 50 9.96 -10.95 -6.98
C HIS E 50 10.05 -9.49 -6.55
N LEU E 51 9.62 -8.56 -7.40
CA LEU E 51 9.67 -7.16 -7.02
C LEU E 51 8.66 -6.85 -5.91
N PHE E 52 7.46 -7.42 -6.03
CA PHE E 52 6.48 -7.29 -4.96
C PHE E 52 6.99 -7.93 -3.68
N TYR E 53 7.77 -9.01 -3.79
CA TYR E 53 8.33 -9.69 -2.64
C TYR E 53 9.43 -8.86 -1.97
N LYS E 54 10.22 -8.13 -2.75
CA LYS E 54 11.20 -7.25 -2.10
C LYS E 54 10.52 -6.06 -1.42
N ASP E 55 9.49 -5.50 -2.08
CA ASP E 55 8.78 -4.37 -1.49
C ASP E 55 8.00 -4.78 -0.25
N GLN E 56 7.54 -6.04 -0.20
CA GLN E 56 6.93 -6.58 1.02
C GLN E 56 7.97 -7.19 1.96
N LEU E 57 9.21 -7.37 1.49
CA LEU E 57 10.31 -7.82 2.35
C LEU E 57 10.69 -6.71 3.30
N ASP E 58 10.60 -5.46 2.84
CA ASP E 58 10.81 -4.34 3.76
C ASP E 58 9.68 -4.23 4.80
N LYS E 59 8.64 -5.05 4.69
CA LYS E 59 7.49 -5.04 5.57
C LYS E 59 7.25 -6.43 6.17
N ARG E 60 6.37 -6.49 7.17
CA ARG E 60 5.95 -7.76 7.74
C ARG E 60 5.19 -8.57 6.70
N ASP E 61 5.84 -9.61 6.18
CA ASP E 61 5.26 -10.47 5.14
C ASP E 61 3.75 -10.55 5.28
N ILE E 62 3.05 -10.03 4.28
CA ILE E 62 1.60 -10.03 4.22
C ILE E 62 1.20 -10.87 3.02
N VAL E 63 0.48 -11.96 3.27
CA VAL E 63 0.19 -12.93 2.21
C VAL E 63 -0.64 -12.31 1.09
N HIS E 64 -1.53 -11.38 1.43
CA HIS E 64 -2.54 -10.88 0.50
C HIS E 64 -1.93 -10.00 -0.59
N LEU E 65 -1.93 -10.51 -1.83
CA LEU E 65 -1.48 -9.75 -2.99
C LEU E 65 -2.65 -9.63 -3.97
N ASN E 66 -2.88 -8.42 -4.48
CA ASN E 66 -4.01 -8.15 -5.36
C ASN E 66 -3.56 -7.31 -6.56
N SER E 67 -4.05 -7.67 -7.74
CA SER E 67 -3.84 -6.88 -8.96
C SER E 67 -5.19 -6.57 -9.58
N ASP E 68 -5.38 -5.32 -9.99
CA ASP E 68 -6.65 -4.90 -10.59
C ASP E 68 -6.74 -5.34 -12.04
N ILE E 69 -7.98 -5.62 -12.47
CA ILE E 69 -8.29 -6.02 -13.85
C ILE E 69 -7.38 -7.16 -14.27
N VAL E 70 -7.05 -8.04 -13.33
CA VAL E 70 -6.31 -9.27 -13.59
C VAL E 70 -7.23 -10.44 -13.26
N THR E 71 -7.74 -11.11 -14.30
CA THR E 71 -8.70 -12.20 -14.15
C THR E 71 -8.17 -13.27 -13.20
N ALA E 72 -8.92 -13.51 -12.12
CA ALA E 72 -8.53 -14.53 -11.15
C ALA E 72 -8.43 -15.93 -11.75
N PRO E 73 -9.32 -16.37 -12.65
CA PRO E 73 -9.05 -17.64 -13.35
C PRO E 73 -7.69 -17.67 -14.02
N ALA E 74 -7.22 -16.54 -14.58
CA ALA E 74 -5.89 -16.50 -15.16
C ALA E 74 -4.81 -16.70 -14.10
N PHE E 75 -5.01 -16.14 -12.90
CA PHE E 75 -4.04 -16.36 -11.83
C PHE E 75 -3.99 -17.83 -11.42
N ALA E 76 -5.15 -18.47 -11.34
CA ALA E 76 -5.17 -19.90 -11.02
C ALA E 76 -4.52 -20.71 -12.14
N LEU E 77 -4.78 -20.34 -13.40
CA LEU E 77 -4.14 -21.00 -14.52
C LEU E 77 -2.63 -20.80 -14.50
N LEU E 78 -2.17 -19.64 -14.04
CA LEU E 78 -0.73 -19.41 -13.94
C LEU E 78 -0.12 -20.27 -12.84
N LEU E 79 -0.81 -20.37 -11.70
CA LEU E 79 -0.35 -21.26 -10.64
C LEU E 79 -0.28 -22.69 -11.15
N GLU E 80 -1.30 -23.12 -11.91
CA GLU E 80 -1.30 -24.46 -12.48
C GLU E 80 -0.16 -24.62 -13.48
N PHE E 81 0.08 -23.60 -14.32
CA PHE E 81 1.17 -23.68 -15.29
C PHE E 81 2.51 -23.77 -14.59
N MET E 82 2.62 -23.23 -13.39
CA MET E 82 3.81 -23.50 -12.59
C MET E 82 3.94 -24.98 -12.28
N TYR E 83 2.80 -25.67 -12.16
CA TYR E 83 2.74 -27.11 -11.92
C TYR E 83 2.31 -27.91 -13.15
N GLU E 84 2.56 -27.41 -14.36
CA GLU E 84 2.07 -28.06 -15.57
C GLU E 84 2.82 -27.51 -16.78
N GLY E 85 2.60 -28.15 -17.93
CA GLY E 85 3.39 -27.91 -19.13
C GLY E 85 2.70 -27.04 -20.16
N LYS E 86 3.12 -27.21 -21.42
CA LYS E 86 2.67 -26.35 -22.51
C LYS E 86 1.27 -26.71 -22.98
N LEU E 87 0.63 -25.74 -23.65
CA LEU E 87 -0.72 -25.87 -24.19
C LEU E 87 -1.75 -26.18 -23.12
N GLN E 88 -1.89 -25.29 -22.13
CA GLN E 88 -2.96 -25.43 -21.15
C GLN E 88 -3.99 -24.32 -21.34
N PHE E 89 -4.53 -24.20 -22.57
CA PHE E 89 -5.45 -23.11 -22.88
C PHE E 89 -6.75 -23.22 -22.09
N LYS E 90 -7.34 -24.42 -22.06
CA LYS E 90 -8.54 -24.69 -21.26
C LYS E 90 -9.72 -23.81 -21.67
N ASP E 91 -9.83 -23.52 -22.96
CA ASP E 91 -10.99 -22.84 -23.57
C ASP E 91 -11.18 -21.40 -23.08
N LEU E 92 -10.21 -20.84 -22.30
CA LEU E 92 -10.32 -19.47 -21.78
C LEU E 92 -9.83 -18.48 -22.83
N PRO E 93 -10.35 -17.24 -22.80
CA PRO E 93 -9.94 -16.23 -23.79
C PRO E 93 -8.46 -15.91 -23.70
N ILE E 94 -7.77 -16.02 -24.83
CA ILE E 94 -6.34 -15.75 -24.90
C ILE E 94 -5.99 -14.31 -24.53
N GLU E 95 -6.94 -13.38 -24.70
CA GLU E 95 -6.66 -11.96 -24.44
C GLU E 95 -6.21 -11.74 -23.00
N ASP E 96 -7.08 -12.06 -22.04
CA ASP E 96 -6.71 -11.90 -20.64
C ASP E 96 -5.51 -12.74 -20.26
N VAL E 97 -5.35 -13.91 -20.90
CA VAL E 97 -4.23 -14.79 -20.57
C VAL E 97 -2.90 -14.10 -20.91
N LEU E 98 -2.79 -13.61 -22.15
CA LEU E 98 -1.58 -12.90 -22.56
C LEU E 98 -1.38 -11.64 -21.73
N ALA E 99 -2.47 -10.93 -21.39
CA ALA E 99 -2.35 -9.73 -20.60
C ALA E 99 -1.76 -10.03 -19.23
N ALA E 100 -2.26 -11.07 -18.56
CA ALA E 100 -1.71 -11.47 -17.27
C ALA E 100 -0.27 -11.95 -17.41
N ALA E 101 0.02 -12.72 -18.47
CA ALA E 101 1.36 -13.23 -18.67
C ALA E 101 2.38 -12.10 -18.79
N SER E 102 2.00 -11.02 -19.47
CA SER E 102 2.89 -9.86 -19.53
C SER E 102 2.90 -9.12 -18.19
N TYR E 103 1.71 -8.97 -17.58
CA TYR E 103 1.59 -8.26 -16.31
C TYR E 103 2.34 -8.95 -15.18
N LEU E 104 2.37 -10.28 -15.18
CA LEU E 104 3.07 -11.00 -14.13
C LEU E 104 4.57 -11.00 -14.31
N HIS E 105 5.08 -10.44 -15.41
CA HIS E 105 6.50 -10.48 -15.74
C HIS E 105 7.00 -11.92 -15.78
N MET E 106 6.14 -12.82 -16.24
CA MET E 106 6.47 -14.23 -16.36
C MET E 106 7.52 -14.42 -17.45
N TYR E 107 7.96 -15.67 -17.61
CA TYR E 107 8.86 -15.98 -18.70
C TYR E 107 8.27 -15.44 -20.00
N ASP E 108 9.09 -14.70 -20.74
CA ASP E 108 8.56 -13.99 -21.92
C ASP E 108 7.92 -14.96 -22.90
N ILE E 109 8.36 -16.22 -22.87
CA ILE E 109 7.80 -17.24 -23.75
C ILE E 109 6.30 -17.39 -23.53
N VAL E 110 5.82 -17.14 -22.30
CA VAL E 110 4.38 -17.25 -22.03
C VAL E 110 3.60 -16.28 -22.89
N LYS E 111 3.90 -14.99 -22.78
CA LYS E 111 3.20 -13.99 -23.59
C LYS E 111 3.51 -14.14 -25.08
N VAL E 112 4.73 -14.55 -25.43
CA VAL E 112 5.09 -14.70 -26.83
C VAL E 112 4.28 -15.80 -27.48
N CYS E 113 4.16 -16.95 -26.80
CA CYS E 113 3.33 -18.05 -27.29
C CYS E 113 1.86 -17.68 -27.29
N LYS E 114 1.40 -16.92 -26.29
CA LYS E 114 0.02 -16.44 -26.32
C LYS E 114 -0.25 -15.60 -27.56
N LYS E 115 0.69 -14.72 -27.91
CA LYS E 115 0.54 -13.88 -29.10
C LYS E 115 0.61 -14.72 -30.37
N LYS E 116 1.50 -15.72 -30.40
CA LYS E 116 1.60 -16.58 -31.58
C LYS E 116 0.32 -17.38 -31.79
N LEU E 117 -0.29 -17.86 -30.70
CA LEU E 117 -1.55 -18.59 -30.80
C LEU E 117 -2.70 -17.65 -31.17
N LYS E 118 -2.67 -16.41 -30.69
CA LYS E 118 -3.71 -15.44 -31.04
C LYS E 118 -3.60 -14.98 -32.49
N GLU E 119 -2.40 -15.05 -33.08
CA GLU E 119 -2.20 -14.65 -34.48
C GLU E 119 -2.46 -15.79 -35.47
N LYS E 120 -3.47 -16.61 -35.23
CA LYS E 120 -3.83 -17.69 -36.15
C LYS E 120 -5.21 -17.46 -36.77
N PHE F 3 8.66 -27.19 -22.35
CA PHE F 3 7.77 -27.33 -21.20
C PHE F 3 8.42 -27.98 -19.97
N PRO F 4 9.13 -29.14 -20.13
CA PRO F 4 9.77 -29.75 -18.95
C PRO F 4 11.05 -29.05 -18.56
N ASP F 5 11.80 -28.57 -19.55
CA ASP F 5 12.99 -27.78 -19.27
C ASP F 5 12.66 -26.57 -18.42
N HIS F 6 11.45 -26.03 -18.56
CA HIS F 6 11.00 -24.95 -17.68
C HIS F 6 10.89 -25.42 -16.23
N SER F 7 10.41 -26.65 -16.02
CA SER F 7 10.33 -27.18 -14.67
C SER F 7 11.71 -27.40 -14.08
N ARG F 8 12.64 -27.95 -14.87
CA ARG F 8 14.01 -28.13 -14.39
C ARG F 8 14.65 -26.78 -14.07
N HIS F 9 14.37 -25.77 -14.89
CA HIS F 9 14.93 -24.44 -14.67
C HIS F 9 14.31 -23.78 -13.44
N LEU F 10 13.02 -24.02 -13.18
CA LEU F 10 12.41 -23.51 -11.95
C LEU F 10 13.02 -24.16 -10.71
N LEU F 11 13.33 -25.46 -10.78
CA LEU F 11 14.03 -26.10 -9.67
C LEU F 11 15.42 -25.50 -9.49
N GLN F 12 16.13 -25.26 -10.59
CA GLN F 12 17.45 -24.64 -10.51
C GLN F 12 17.35 -23.23 -9.93
N CYS F 13 16.30 -22.49 -10.29
CA CYS F 13 16.11 -21.13 -9.78
C CYS F 13 15.81 -21.13 -8.28
N LEU F 14 15.01 -22.10 -7.82
CA LEU F 14 14.78 -22.20 -6.38
C LEU F 14 16.07 -22.57 -5.66
N SER F 15 16.90 -23.41 -6.29
CA SER F 15 18.20 -23.74 -5.71
C SER F 15 19.12 -22.53 -5.67
N GLU F 16 19.07 -21.68 -6.70
CA GLU F 16 19.86 -20.45 -6.71
C GLU F 16 19.38 -19.47 -5.65
N GLN F 17 18.06 -19.38 -5.45
CA GLN F 17 17.53 -18.52 -4.39
C GLN F 17 17.92 -19.03 -3.00
N ARG F 18 18.04 -20.36 -2.85
CA ARG F 18 18.50 -20.90 -1.57
C ARG F 18 20.00 -20.74 -1.38
N HIS F 19 20.78 -20.77 -2.48
CA HIS F 19 22.21 -20.51 -2.37
C HIS F 19 22.50 -19.04 -2.12
N GLN F 20 21.65 -18.16 -2.63
CA GLN F 20 21.81 -16.73 -2.36
C GLN F 20 21.20 -16.37 -1.01
N GLY F 21 20.08 -16.99 -0.66
CA GLY F 21 19.43 -16.76 0.61
C GLY F 21 18.03 -16.18 0.49
N PHE F 22 17.48 -16.17 -0.73
CA PHE F 22 16.16 -15.61 -0.96
C PHE F 22 15.08 -16.55 -0.45
N LEU F 23 14.20 -16.04 0.41
CA LEU F 23 13.06 -16.79 0.97
C LEU F 23 13.53 -18.06 1.67
N CYS F 24 14.26 -17.85 2.76
CA CYS F 24 14.77 -18.94 3.59
C CYS F 24 13.82 -19.09 4.78
N ASP F 25 12.78 -19.92 4.60
CA ASP F 25 11.80 -20.15 5.64
C ASP F 25 12.33 -20.96 6.82
N CYS F 26 13.51 -21.57 6.70
CA CYS F 26 14.07 -22.39 7.76
C CYS F 26 15.58 -22.21 7.82
N THR F 27 16.13 -22.48 9.01
CA THR F 27 17.58 -22.48 9.23
C THR F 27 17.93 -23.69 10.09
N VAL F 28 18.39 -24.75 9.44
CA VAL F 28 18.72 -26.01 10.10
C VAL F 28 20.22 -26.02 10.40
N LEU F 29 20.56 -26.28 11.65
CA LEU F 29 21.94 -26.30 12.12
C LEU F 29 22.14 -27.57 12.92
N VAL F 30 22.90 -28.51 12.35
CA VAL F 30 23.13 -29.78 13.02
C VAL F 30 24.25 -29.66 14.05
N GLY F 31 25.41 -29.22 13.61
CA GLY F 31 26.57 -29.07 14.46
C GLY F 31 26.87 -27.62 14.77
N ASP F 32 28.16 -27.27 14.76
CA ASP F 32 28.54 -25.88 14.94
C ASP F 32 28.07 -25.02 13.77
N ALA F 33 28.02 -25.60 12.57
CA ALA F 33 27.63 -24.87 11.38
C ALA F 33 26.11 -24.75 11.27
N GLN F 34 25.67 -23.73 10.54
CA GLN F 34 24.24 -23.42 10.38
C GLN F 34 23.95 -23.17 8.91
N PHE F 35 23.11 -24.00 8.29
CA PHE F 35 22.67 -23.79 6.92
C PHE F 35 21.22 -23.32 6.90
N ARG F 36 20.92 -22.31 6.11
CA ARG F 36 19.57 -21.73 6.04
C ARG F 36 19.08 -21.71 4.60
N ALA F 37 17.80 -22.05 4.41
CA ALA F 37 17.18 -22.10 3.08
C ALA F 37 15.66 -22.21 3.27
N HIS F 38 14.96 -22.44 2.17
CA HIS F 38 13.51 -22.54 2.22
C HIS F 38 13.07 -23.83 2.89
N ARG F 39 12.06 -23.72 3.76
CA ARG F 39 11.57 -24.88 4.50
C ARG F 39 10.90 -25.90 3.58
N ALA F 40 10.12 -25.42 2.60
CA ALA F 40 9.41 -26.34 1.72
C ALA F 40 10.37 -27.24 0.95
N VAL F 41 11.58 -26.77 0.69
CA VAL F 41 12.59 -27.60 0.04
C VAL F 41 12.93 -28.79 0.93
N LEU F 42 13.26 -28.52 2.19
CA LEU F 42 13.52 -29.59 3.14
C LEU F 42 12.33 -30.50 3.31
N ALA F 43 11.12 -29.96 3.22
CA ALA F 43 9.92 -30.77 3.35
C ALA F 43 9.80 -31.76 2.20
N SER F 44 9.93 -31.25 0.96
CA SER F 44 9.87 -32.11 -0.22
C SER F 44 11.04 -33.08 -0.25
N CYS F 45 12.16 -32.72 0.39
CA CYS F 45 13.34 -33.58 0.38
C CYS F 45 13.19 -34.72 1.39
N SER F 46 12.77 -34.40 2.61
CA SER F 46 12.76 -35.37 3.70
C SER F 46 11.38 -35.49 4.31
N MET F 47 10.92 -36.73 4.48
CA MET F 47 9.64 -36.96 5.18
C MET F 47 9.78 -36.70 6.67
N TYR F 48 10.97 -36.95 7.22
CA TYR F 48 11.22 -36.59 8.62
C TYR F 48 11.10 -35.09 8.82
N PHE F 49 11.58 -34.31 7.84
CA PHE F 49 11.33 -32.88 7.86
C PHE F 49 9.84 -32.57 7.78
N HIS F 50 9.07 -33.39 7.06
CA HIS F 50 7.63 -33.17 7.01
C HIS F 50 6.98 -33.38 8.37
N LEU F 51 7.42 -34.41 9.10
CA LEU F 51 6.85 -34.65 10.43
C LEU F 51 7.27 -33.58 11.43
N PHE F 52 8.55 -33.18 11.38
CA PHE F 52 9.00 -32.10 12.25
C PHE F 52 8.28 -30.80 11.94
N TYR F 53 8.00 -30.54 10.65
CA TYR F 53 7.28 -29.34 10.27
C TYR F 53 5.83 -29.41 10.71
N LYS F 54 5.22 -30.59 10.67
CA LYS F 54 3.86 -30.73 11.15
C LYS F 54 3.78 -30.50 12.66
N ASP F 55 4.80 -30.96 13.41
CA ASP F 55 4.82 -30.70 14.84
C ASP F 55 5.17 -29.25 15.18
N GLN F 56 5.98 -28.59 14.36
CA GLN F 56 6.39 -27.20 14.57
C GLN F 56 5.45 -26.16 13.96
N LEU F 57 4.48 -26.57 13.14
CA LEU F 57 3.56 -25.61 12.54
C LEU F 57 2.69 -24.92 13.59
N ASP F 58 2.27 -25.66 14.63
CA ASP F 58 1.52 -25.08 15.73
C ASP F 58 2.38 -24.23 16.65
N LYS F 59 3.70 -24.24 16.46
CA LYS F 59 4.62 -23.48 17.30
C LYS F 59 5.29 -22.32 16.56
N ARG F 60 5.06 -22.17 15.25
CA ARG F 60 5.57 -21.06 14.46
C ARG F 60 7.10 -20.98 14.43
N ASP F 61 7.75 -21.90 15.12
CA ASP F 61 9.22 -21.95 15.21
C ASP F 61 9.80 -22.95 14.21
N ILE F 62 9.41 -22.82 12.93
CA ILE F 62 9.97 -23.66 11.89
C ILE F 62 11.37 -23.24 11.48
N VAL F 63 11.78 -22.05 11.90
CA VAL F 63 13.04 -21.49 11.41
C VAL F 63 14.23 -22.32 11.88
N HIS F 64 14.17 -22.87 13.08
CA HIS F 64 15.33 -23.48 13.73
C HIS F 64 15.22 -25.00 13.81
N LEU F 65 16.08 -25.70 13.06
CA LEU F 65 16.14 -27.16 13.11
C LEU F 65 17.52 -27.61 13.56
N ASN F 66 17.58 -28.56 14.51
CA ASN F 66 18.84 -29.06 15.03
C ASN F 66 18.79 -30.57 15.21
N SER F 67 19.84 -31.27 14.74
CA SER F 67 19.99 -32.70 14.99
C SER F 67 21.38 -32.99 15.56
N ASP F 68 21.44 -33.75 16.65
CA ASP F 68 22.70 -34.08 17.30
C ASP F 68 23.39 -35.27 16.62
N ILE F 69 24.73 -35.27 16.69
CA ILE F 69 25.58 -36.35 16.19
C ILE F 69 25.26 -36.71 14.75
N VAL F 70 24.89 -35.71 13.95
CA VAL F 70 24.68 -35.85 12.52
C VAL F 70 25.74 -35.02 11.82
N THR F 71 26.71 -35.69 11.19
CA THR F 71 27.87 -35.03 10.60
C THR F 71 27.44 -33.88 9.71
N ALA F 72 27.85 -32.67 10.09
CA ALA F 72 27.47 -31.48 9.32
C ALA F 72 27.95 -31.50 7.87
N PRO F 73 29.16 -31.95 7.54
CA PRO F 73 29.47 -32.14 6.11
C PRO F 73 28.48 -33.05 5.41
N ALA F 74 28.04 -34.12 6.08
CA ALA F 74 27.04 -35.00 5.49
C ALA F 74 25.71 -34.28 5.30
N PHE F 75 25.32 -33.45 6.27
CA PHE F 75 24.08 -32.69 6.14
C PHE F 75 24.15 -31.72 4.97
N ALA F 76 25.29 -31.05 4.81
CA ALA F 76 25.46 -30.14 3.68
C ALA F 76 25.45 -30.90 2.36
N LEU F 77 26.10 -32.07 2.32
CA LEU F 77 26.09 -32.87 1.10
C LEU F 77 24.67 -33.32 0.75
N LEU F 78 23.87 -33.64 1.76
CA LEU F 78 22.48 -34.05 1.50
C LEU F 78 21.64 -32.87 1.01
N LEU F 79 21.83 -31.70 1.63
CA LEU F 79 21.13 -30.51 1.16
C LEU F 79 21.51 -30.19 -0.27
N GLU F 80 22.80 -30.29 -0.60
CA GLU F 80 23.25 -30.07 -1.97
C GLU F 80 22.65 -31.11 -2.91
N PHE F 81 22.60 -32.37 -2.47
CA PHE F 81 22.04 -33.43 -3.29
C PHE F 81 20.55 -33.21 -3.55
N MET F 82 19.87 -32.54 -2.62
CA MET F 82 18.50 -32.12 -2.90
C MET F 82 18.45 -31.15 -4.08
N TYR F 83 19.51 -30.34 -4.25
CA TYR F 83 19.65 -29.39 -5.34
C TYR F 83 20.66 -29.81 -6.41
N GLU F 84 20.87 -31.11 -6.62
CA GLU F 84 21.88 -31.60 -7.54
C GLU F 84 21.57 -33.06 -7.90
N GLY F 85 22.38 -33.63 -8.78
CA GLY F 85 22.07 -34.90 -9.43
C GLY F 85 22.91 -36.07 -8.93
N LYS F 86 22.85 -37.16 -9.72
CA LYS F 86 23.45 -38.42 -9.33
C LYS F 86 24.98 -38.34 -9.36
N LEU F 87 25.60 -39.35 -8.77
CA LEU F 87 27.05 -39.46 -8.66
C LEU F 87 27.63 -38.24 -7.94
N GLN F 88 27.13 -38.01 -6.73
CA GLN F 88 27.75 -37.01 -5.85
C GLN F 88 29.17 -37.43 -5.53
N PHE F 89 30.04 -36.42 -5.34
CA PHE F 89 31.47 -36.68 -5.20
C PHE F 89 31.75 -37.68 -4.08
N LYS F 90 31.14 -37.47 -2.92
CA LYS F 90 31.35 -38.32 -1.76
C LYS F 90 32.84 -38.42 -1.42
N ASP F 91 33.54 -37.29 -1.58
CA ASP F 91 34.92 -37.20 -1.09
C ASP F 91 34.98 -37.38 0.41
N LEU F 92 33.84 -37.26 1.08
CA LEU F 92 33.54 -37.48 2.48
C LEU F 92 33.18 -38.94 2.68
N PRO F 93 33.39 -39.51 3.87
CA PRO F 93 33.09 -40.93 4.08
C PRO F 93 31.62 -41.25 3.86
N ILE F 94 31.36 -42.22 2.98
CA ILE F 94 30.01 -42.65 2.65
C ILE F 94 29.28 -43.17 3.88
N GLU F 95 30.01 -43.60 4.90
CA GLU F 95 29.39 -44.11 6.12
C GLU F 95 28.54 -43.01 6.77
N ASP F 96 29.17 -41.91 7.15
CA ASP F 96 28.44 -40.80 7.75
C ASP F 96 27.35 -40.28 6.82
N VAL F 97 27.57 -40.40 5.50
CA VAL F 97 26.58 -39.97 4.52
C VAL F 97 25.31 -40.82 4.64
N LEU F 98 25.47 -42.13 4.62
CA LEU F 98 24.32 -43.01 4.81
C LEU F 98 23.67 -42.78 6.17
N ALA F 99 24.50 -42.50 7.19
CA ALA F 99 23.95 -42.23 8.52
C ALA F 99 23.02 -41.01 8.49
N ALA F 100 23.49 -39.94 7.85
CA ALA F 100 22.67 -38.74 7.70
C ALA F 100 21.42 -39.04 6.88
N ALA F 101 21.56 -39.84 5.81
CA ALA F 101 20.42 -40.20 4.99
C ALA F 101 19.35 -40.90 5.82
N SER F 102 19.78 -41.74 6.77
CA SER F 102 18.83 -42.40 7.66
C SER F 102 18.23 -41.41 8.65
N TYR F 103 19.06 -40.52 9.20
CA TYR F 103 18.56 -39.56 10.20
C TYR F 103 17.54 -38.60 9.61
N LEU F 104 17.74 -38.18 8.37
CA LEU F 104 16.81 -37.28 7.70
C LEU F 104 15.59 -38.00 7.13
N HIS F 105 15.56 -39.33 7.19
CA HIS F 105 14.54 -40.14 6.51
C HIS F 105 14.53 -39.83 5.01
N MET F 106 15.73 -39.61 4.46
CA MET F 106 15.88 -39.32 3.04
C MET F 106 15.52 -40.57 2.22
N TYR F 107 15.55 -40.42 0.90
CA TYR F 107 15.30 -41.58 0.06
C TYR F 107 16.24 -42.70 0.47
N ASP F 108 15.67 -43.82 0.91
CA ASP F 108 16.48 -44.91 1.42
C ASP F 108 17.39 -45.47 0.35
N ILE F 109 16.94 -45.39 -0.91
CA ILE F 109 17.72 -45.90 -2.04
C ILE F 109 19.08 -45.20 -2.12
N VAL F 110 19.16 -43.94 -1.68
CA VAL F 110 20.43 -43.22 -1.70
C VAL F 110 21.46 -43.91 -0.81
N LYS F 111 21.13 -44.07 0.48
CA LYS F 111 22.06 -44.75 1.38
C LYS F 111 22.24 -46.21 0.98
N VAL F 112 21.21 -46.80 0.38
CA VAL F 112 21.27 -48.18 -0.08
C VAL F 112 22.29 -48.32 -1.21
N CYS F 113 22.28 -47.38 -2.15
CA CYS F 113 23.28 -47.37 -3.22
C CYS F 113 24.67 -47.09 -2.65
N LYS F 114 24.76 -46.25 -1.62
CA LYS F 114 26.05 -46.04 -0.97
C LYS F 114 26.57 -47.36 -0.39
N LYS F 115 25.69 -48.12 0.27
CA LYS F 115 26.06 -49.40 0.85
C LYS F 115 26.37 -50.45 -0.23
N LYS F 116 25.61 -50.45 -1.32
CA LYS F 116 25.86 -51.39 -2.41
C LYS F 116 27.19 -51.12 -3.09
N LEU F 117 27.52 -49.83 -3.29
CA LEU F 117 28.80 -49.48 -3.87
C LEU F 117 29.95 -49.79 -2.93
N LYS F 118 29.75 -49.57 -1.63
CA LYS F 118 30.77 -49.91 -0.65
C LYS F 118 30.93 -51.42 -0.51
N GLU F 119 29.88 -52.19 -0.83
CA GLU F 119 29.94 -53.64 -0.80
C GLU F 119 30.42 -54.23 -2.12
N LYS F 120 30.51 -53.44 -3.18
CA LYS F 120 30.99 -53.92 -4.47
C LYS F 120 32.34 -53.32 -4.83
N PHE G 3 -31.27 26.28 -8.50
CA PHE G 3 -29.92 25.70 -8.53
C PHE G 3 -29.52 24.98 -7.23
N PRO G 4 -29.70 25.62 -6.03
CA PRO G 4 -29.32 24.93 -4.79
C PRO G 4 -30.34 23.90 -4.37
N ASP G 5 -31.63 24.20 -4.61
CA ASP G 5 -32.66 23.20 -4.37
C ASP G 5 -32.43 21.96 -5.21
N HIS G 6 -31.81 22.12 -6.39
CA HIS G 6 -31.43 20.96 -7.19
C HIS G 6 -30.37 20.12 -6.49
N SER G 7 -29.41 20.78 -5.83
CA SER G 7 -28.38 20.03 -5.10
C SER G 7 -28.98 19.30 -3.90
N ARG G 8 -29.85 19.98 -3.15
CA ARG G 8 -30.50 19.33 -2.00
C ARG G 8 -31.39 18.18 -2.46
N HIS G 9 -32.10 18.36 -3.57
CA HIS G 9 -32.96 17.30 -4.08
C HIS G 9 -32.15 16.13 -4.63
N LEU G 10 -31.00 16.41 -5.25
CA LEU G 10 -30.12 15.34 -5.68
C LEU G 10 -29.56 14.57 -4.49
N LEU G 11 -29.27 15.28 -3.39
CA LEU G 11 -28.86 14.60 -2.17
C LEU G 11 -29.99 13.70 -1.66
N GLN G 12 -31.23 14.20 -1.70
CA GLN G 12 -32.37 13.39 -1.28
C GLN G 12 -32.57 12.18 -2.18
N CYS G 13 -32.38 12.34 -3.49
CA CYS G 13 -32.53 11.22 -4.41
C CYS G 13 -31.42 10.20 -4.21
N LEU G 14 -30.20 10.67 -3.93
CA LEU G 14 -29.11 9.75 -3.61
C LEU G 14 -29.37 9.03 -2.29
N SER G 15 -29.98 9.73 -1.33
CA SER G 15 -30.35 9.09 -0.07
C SER G 15 -31.43 8.03 -0.29
N GLU G 16 -32.37 8.31 -1.18
CA GLU G 16 -33.40 7.33 -1.50
C GLU G 16 -32.80 6.12 -2.23
N GLN G 17 -31.86 6.37 -3.14
CA GLN G 17 -31.18 5.28 -3.83
C GLN G 17 -30.34 4.44 -2.89
N ARG G 18 -29.76 5.06 -1.85
CA ARG G 18 -28.99 4.31 -0.87
C ARG G 18 -29.90 3.55 0.10
N HIS G 19 -31.09 4.09 0.37
CA HIS G 19 -32.05 3.37 1.22
C HIS G 19 -32.68 2.20 0.47
N GLN G 20 -32.80 2.29 -0.85
CA GLN G 20 -33.37 1.18 -1.61
C GLN G 20 -32.34 0.09 -1.88
N GLY G 21 -31.11 0.47 -2.22
CA GLY G 21 -30.05 -0.50 -2.44
C GLY G 21 -29.49 -0.54 -3.85
N PHE G 22 -29.87 0.40 -4.69
CA PHE G 22 -29.37 0.42 -6.06
C PHE G 22 -27.93 0.92 -6.05
N LEU G 23 -27.02 0.13 -6.62
CA LEU G 23 -25.60 0.45 -6.71
C LEU G 23 -25.04 0.73 -5.31
N CYS G 24 -25.04 -0.33 -4.49
CA CYS G 24 -24.50 -0.30 -3.14
C CYS G 24 -23.12 -0.93 -3.19
N ASP G 25 -22.10 -0.08 -3.39
CA ASP G 25 -20.71 -0.54 -3.52
C ASP G 25 -20.14 -1.14 -2.24
N CYS G 26 -20.79 -0.98 -1.10
CA CYS G 26 -20.26 -1.53 0.13
C CYS G 26 -21.37 -2.08 1.00
N THR G 27 -21.00 -3.06 1.85
CA THR G 27 -21.88 -3.64 2.86
C THR G 27 -21.05 -3.73 4.13
N VAL G 28 -21.20 -2.74 5.01
CA VAL G 28 -20.42 -2.62 6.25
C VAL G 28 -21.23 -3.18 7.40
N LEU G 29 -20.59 -4.05 8.19
CA LEU G 29 -21.26 -4.73 9.30
C LEU G 29 -20.39 -4.59 10.54
N VAL G 30 -20.86 -3.81 11.50
CA VAL G 30 -20.11 -3.58 12.73
C VAL G 30 -20.31 -4.75 13.70
N GLY G 31 -21.56 -5.06 14.01
CA GLY G 31 -21.88 -6.16 14.89
C GLY G 31 -22.44 -7.31 14.08
N ASP G 32 -23.47 -7.99 14.62
CA ASP G 32 -24.15 -9.01 13.85
C ASP G 32 -24.91 -8.43 12.66
N ALA G 33 -25.38 -7.18 12.78
CA ALA G 33 -26.16 -6.53 11.74
C ALA G 33 -25.26 -5.95 10.64
N GLN G 34 -25.84 -5.83 9.44
CA GLN G 34 -25.11 -5.40 8.25
C GLN G 34 -25.91 -4.32 7.52
N PHE G 35 -25.34 -3.12 7.40
CA PHE G 35 -25.92 -2.03 6.61
C PHE G 35 -25.12 -1.86 5.32
N ARG G 36 -25.83 -1.71 4.19
CA ARG G 36 -25.18 -1.62 2.89
C ARG G 36 -25.62 -0.37 2.16
N ALA G 37 -24.66 0.27 1.47
CA ALA G 37 -24.93 1.52 0.74
C ALA G 37 -23.74 1.82 -0.18
N HIS G 38 -23.77 3.00 -0.80
CA HIS G 38 -22.72 3.41 -1.72
C HIS G 38 -21.45 3.81 -0.98
N ARG G 39 -20.30 3.35 -1.49
CA ARG G 39 -19.01 3.61 -0.85
C ARG G 39 -18.60 5.08 -0.93
N ALA G 40 -18.85 5.73 -2.08
CA ALA G 40 -18.40 7.12 -2.25
C ALA G 40 -19.06 8.06 -1.23
N VAL G 41 -20.27 7.73 -0.78
CA VAL G 41 -20.92 8.55 0.24
C VAL G 41 -20.13 8.47 1.54
N LEU G 42 -19.83 7.26 1.99
CA LEU G 42 -19.01 7.08 3.19
C LEU G 42 -17.64 7.72 3.04
N ALA G 43 -17.09 7.72 1.83
CA ALA G 43 -15.79 8.35 1.63
C ALA G 43 -15.87 9.86 1.78
N SER G 44 -16.84 10.48 1.09
CA SER G 44 -16.99 11.93 1.17
C SER G 44 -17.39 12.38 2.57
N CYS G 45 -18.07 11.51 3.33
CA CYS G 45 -18.50 11.89 4.67
C CYS G 45 -17.38 11.78 5.70
N SER G 46 -16.63 10.69 5.68
CA SER G 46 -15.66 10.40 6.73
C SER G 46 -14.29 10.19 6.10
N MET G 47 -13.27 10.85 6.66
CA MET G 47 -11.92 10.66 6.15
C MET G 47 -11.37 9.29 6.50
N TYR G 48 -11.79 8.70 7.62
CA TYR G 48 -11.36 7.35 7.95
C TYR G 48 -11.84 6.34 6.92
N PHE G 49 -13.10 6.47 6.47
CA PHE G 49 -13.57 5.63 5.39
C PHE G 49 -12.79 5.89 4.10
N HIS G 50 -12.40 7.14 3.87
CA HIS G 50 -11.60 7.46 2.69
C HIS G 50 -10.23 6.79 2.75
N LEU G 51 -9.63 6.78 3.94
CA LEU G 51 -8.32 6.14 4.11
C LEU G 51 -8.44 4.62 3.98
N PHE G 52 -9.49 4.04 4.55
CA PHE G 52 -9.68 2.60 4.40
C PHE G 52 -9.89 2.23 2.94
N TYR G 53 -10.61 3.08 2.19
CA TYR G 53 -10.85 2.79 0.77
C TYR G 53 -9.59 2.98 -0.07
N LYS G 54 -8.79 4.01 0.23
CA LYS G 54 -7.55 4.20 -0.51
C LYS G 54 -6.55 3.08 -0.24
N ASP G 55 -6.49 2.61 1.02
CA ASP G 55 -5.59 1.51 1.36
C ASP G 55 -6.08 0.16 0.83
N GLN G 56 -7.40 -0.02 0.72
CA GLN G 56 -7.96 -1.26 0.20
C GLN G 56 -8.10 -1.27 -1.33
N LEU G 57 -7.89 -0.13 -2.00
CA LEU G 57 -7.98 -0.14 -3.47
C LEU G 57 -6.86 -0.94 -4.12
N ASP G 58 -5.64 -0.86 -3.59
CA ASP G 58 -4.53 -1.65 -4.10
C ASP G 58 -4.59 -3.12 -3.67
N LYS G 59 -5.52 -3.47 -2.79
CA LYS G 59 -5.62 -4.83 -2.27
C LYS G 59 -7.01 -5.40 -2.51
N ARG G 60 -7.16 -6.68 -2.16
CA ARG G 60 -8.45 -7.37 -2.19
C ARG G 60 -9.38 -6.74 -1.17
N ASP G 61 -10.26 -5.85 -1.63
CA ASP G 61 -11.14 -5.16 -0.70
C ASP G 61 -12.45 -5.92 -0.60
N ILE G 62 -12.73 -6.42 0.60
CA ILE G 62 -13.98 -7.11 0.90
C ILE G 62 -15.08 -6.08 1.17
N VAL G 63 -16.32 -6.45 0.86
CA VAL G 63 -17.41 -5.50 1.06
C VAL G 63 -17.55 -5.18 2.54
N HIS G 64 -17.32 -6.18 3.38
CA HIS G 64 -17.51 -6.09 4.82
C HIS G 64 -16.42 -5.28 5.50
N LEU G 65 -16.82 -4.23 6.22
CA LEU G 65 -15.92 -3.47 7.07
C LEU G 65 -16.42 -3.63 8.49
N ASN G 66 -15.52 -3.95 9.43
CA ASN G 66 -15.95 -4.25 10.79
C ASN G 66 -15.11 -3.53 11.84
N SER G 67 -15.78 -2.93 12.82
CA SER G 67 -15.15 -2.37 14.01
C SER G 67 -15.88 -2.88 15.26
N ASP G 68 -15.11 -3.35 16.23
CA ASP G 68 -15.68 -3.84 17.48
C ASP G 68 -15.94 -2.69 18.46
N ILE G 69 -16.95 -2.88 19.32
CA ILE G 69 -17.32 -1.94 20.38
C ILE G 69 -17.57 -0.54 19.85
N VAL G 70 -18.12 -0.46 18.64
CA VAL G 70 -18.60 0.79 18.05
C VAL G 70 -20.10 0.63 17.92
N THR G 71 -20.87 1.34 18.75
CA THR G 71 -22.31 1.14 18.86
C THR G 71 -22.96 1.17 17.49
N ALA G 72 -23.56 0.03 17.11
CA ALA G 72 -24.22 -0.08 15.82
C ALA G 72 -25.38 0.91 15.62
N PRO G 73 -26.26 1.15 16.60
CA PRO G 73 -27.24 2.24 16.43
C PRO G 73 -26.60 3.57 16.11
N ALA G 74 -25.45 3.89 16.73
CA ALA G 74 -24.75 5.12 16.40
C ALA G 74 -24.25 5.09 14.96
N PHE G 75 -23.76 3.94 14.50
CA PHE G 75 -23.31 3.82 13.12
C PHE G 75 -24.46 4.04 12.14
N ALA G 76 -25.63 3.49 12.45
CA ALA G 76 -26.79 3.72 11.60
C ALA G 76 -27.21 5.19 11.61
N LEU G 77 -27.17 5.82 12.79
CA LEU G 77 -27.50 7.25 12.86
C LEU G 77 -26.50 8.07 12.06
N LEU G 78 -25.23 7.68 12.07
CA LEU G 78 -24.23 8.41 11.31
C LEU G 78 -24.44 8.22 9.81
N LEU G 79 -24.77 6.99 9.40
CA LEU G 79 -25.09 6.75 8.00
C LEU G 79 -26.29 7.58 7.57
N GLU G 80 -27.32 7.64 8.42
CA GLU G 80 -28.51 8.42 8.10
C GLU G 80 -28.19 9.91 7.99
N PHE G 81 -27.37 10.44 8.90
CA PHE G 81 -27.00 11.84 8.81
C PHE G 81 -26.13 12.13 7.59
N MET G 82 -25.31 11.17 7.18
CA MET G 82 -24.57 11.30 5.93
C MET G 82 -25.47 11.30 4.71
N TYR G 83 -26.56 10.53 4.75
CA TYR G 83 -27.50 10.44 3.63
C TYR G 83 -28.76 11.22 3.96
N GLU G 84 -28.85 12.43 3.41
CA GLU G 84 -29.94 13.37 3.68
C GLU G 84 -30.03 13.68 5.16
N ASP G 91 -31.44 10.33 20.61
CA ASP G 91 -31.96 9.74 21.85
C ASP G 91 -31.01 8.70 22.42
N LEU G 92 -29.82 8.56 21.80
CA LEU G 92 -28.73 7.65 22.14
C LEU G 92 -27.77 8.28 23.15
N PRO G 93 -27.11 7.45 23.97
CA PRO G 93 -26.15 7.98 24.94
C PRO G 93 -25.00 8.69 24.24
N ILE G 94 -24.71 9.91 24.70
CA ILE G 94 -23.64 10.70 24.08
C ILE G 94 -22.31 9.99 24.12
N GLU G 95 -22.11 9.07 25.06
CA GLU G 95 -20.83 8.35 25.17
C GLU G 95 -20.55 7.52 23.92
N ASP G 96 -21.41 6.52 23.67
CA ASP G 96 -21.22 5.69 22.48
C ASP G 96 -21.32 6.50 21.20
N VAL G 97 -22.14 7.56 21.22
CA VAL G 97 -22.31 8.41 20.05
C VAL G 97 -21.01 9.12 19.70
N LEU G 98 -20.42 9.81 20.68
CA LEU G 98 -19.14 10.48 20.47
C LEU G 98 -18.05 9.48 20.12
N ALA G 99 -18.07 8.29 20.74
CA ALA G 99 -17.05 7.28 20.46
C ALA G 99 -17.11 6.85 19.00
N ALA G 100 -18.32 6.54 18.51
CA ALA G 100 -18.46 6.15 17.12
C ALA G 100 -18.10 7.29 16.18
N ALA G 101 -18.53 8.52 16.51
CA ALA G 101 -18.24 9.67 15.66
C ALA G 101 -16.75 9.90 15.53
N SER G 102 -15.99 9.70 16.62
CA SER G 102 -14.55 9.85 16.55
C SER G 102 -13.90 8.69 15.79
N TYR G 103 -14.39 7.47 16.01
CA TYR G 103 -13.81 6.31 15.33
C TYR G 103 -13.92 6.42 13.81
N LEU G 104 -15.01 7.00 13.32
CA LEU G 104 -15.17 7.22 11.89
C LEU G 104 -14.41 8.43 11.38
N HIS G 105 -13.78 9.19 12.27
CA HIS G 105 -13.11 10.45 11.93
C HIS G 105 -14.06 11.42 11.24
N MET G 106 -15.32 11.41 11.69
CA MET G 106 -16.32 12.33 11.17
C MET G 106 -16.02 13.75 11.64
N TYR G 107 -16.81 14.70 11.16
CA TYR G 107 -16.69 16.07 11.64
C TYR G 107 -16.81 16.10 13.17
N ASP G 108 -15.82 16.73 13.81
CA ASP G 108 -15.72 16.72 15.26
C ASP G 108 -16.87 17.45 15.96
N ILE G 109 -17.48 18.42 15.29
CA ILE G 109 -18.52 19.25 15.92
C ILE G 109 -19.64 18.43 16.52
N VAL G 110 -19.94 17.27 15.95
CA VAL G 110 -20.99 16.40 16.49
C VAL G 110 -20.63 15.97 17.92
N LYS G 111 -19.46 15.34 18.07
CA LYS G 111 -19.02 14.91 19.39
C LYS G 111 -18.77 16.09 20.32
N VAL G 112 -18.35 17.23 19.78
CA VAL G 112 -18.10 18.40 20.62
C VAL G 112 -19.40 18.92 21.24
N CYS G 113 -20.44 19.05 20.42
CA CYS G 113 -21.74 19.47 20.94
C CYS G 113 -22.33 18.42 21.88
N LYS G 114 -22.13 17.13 21.56
CA LYS G 114 -22.58 16.07 22.46
C LYS G 114 -21.90 16.16 23.83
N LYS G 115 -20.58 16.40 23.84
CA LYS G 115 -19.85 16.53 25.09
C LYS G 115 -20.27 17.77 25.85
N LYS G 116 -20.50 18.88 25.14
CA LYS G 116 -20.93 20.10 25.82
C LYS G 116 -22.30 19.91 26.47
N LEU G 117 -23.21 19.21 25.78
CA LEU G 117 -24.52 18.94 26.36
C LEU G 117 -24.44 17.96 27.53
N LYS G 118 -23.57 16.95 27.45
CA LYS G 118 -23.42 16.01 28.54
C LYS G 118 -22.75 16.65 29.76
N GLU G 119 -21.92 17.69 29.55
CA GLU G 119 -21.30 18.38 30.67
C GLU G 119 -22.16 19.49 31.25
N LYS G 120 -23.05 20.10 30.44
CA LYS G 120 -23.94 21.13 30.93
C LYS G 120 -25.26 20.59 31.45
N ALA G 121 -25.62 19.35 31.11
CA ALA G 121 -26.80 18.71 31.68
C ALA G 121 -26.50 17.93 32.95
N THR G 122 -25.23 17.64 33.22
CA THR G 122 -24.85 16.93 34.44
C THR G 122 -24.67 17.90 35.60
N PHE H 3 -26.72 22.48 8.66
CA PHE H 3 -27.07 21.08 8.42
C PHE H 3 -27.20 20.72 6.92
N PRO H 4 -27.96 21.53 6.12
CA PRO H 4 -28.08 21.21 4.69
C PRO H 4 -26.85 21.62 3.89
N ASP H 5 -26.25 22.75 4.28
CA ASP H 5 -24.99 23.18 3.67
C ASP H 5 -23.87 22.17 3.90
N HIS H 6 -23.87 21.46 5.04
CA HIS H 6 -22.88 20.41 5.26
C HIS H 6 -23.07 19.26 4.28
N SER H 7 -24.33 18.88 4.02
CA SER H 7 -24.61 17.83 3.06
C SER H 7 -24.23 18.26 1.64
N ARG H 8 -24.54 19.51 1.27
CA ARG H 8 -24.16 20.02 -0.05
C ARG H 8 -22.64 20.07 -0.21
N HIS H 9 -21.91 20.43 0.86
CA HIS H 9 -20.46 20.48 0.76
C HIS H 9 -19.87 19.07 0.67
N LEU H 10 -20.45 18.11 1.39
CA LEU H 10 -20.02 16.72 1.23
C LEU H 10 -20.32 16.21 -0.18
N LEU H 11 -21.44 16.64 -0.76
CA LEU H 11 -21.74 16.32 -2.15
C LEU H 11 -20.69 16.91 -3.08
N GLN H 12 -20.29 18.16 -2.84
CA GLN H 12 -19.26 18.79 -3.65
C GLN H 12 -17.94 18.04 -3.53
N CYS H 13 -17.62 17.57 -2.32
CA CYS H 13 -16.39 16.81 -2.14
C CYS H 13 -16.44 15.46 -2.85
N LEU H 14 -17.61 14.81 -2.82
CA LEU H 14 -17.78 13.56 -3.57
C LEU H 14 -17.68 13.80 -5.07
N SER H 15 -18.19 14.94 -5.54
CA SER H 15 -18.05 15.28 -6.95
C SER H 15 -16.59 15.52 -7.31
N GLU H 16 -15.83 16.15 -6.41
CA GLU H 16 -14.40 16.33 -6.65
C GLU H 16 -13.68 15.00 -6.67
N GLN H 17 -14.08 14.07 -5.78
CA GLN H 17 -13.50 12.73 -5.78
C GLN H 17 -13.83 11.97 -7.05
N ARG H 18 -15.01 12.21 -7.63
CA ARG H 18 -15.36 11.59 -8.90
C ARG H 18 -14.59 12.23 -10.05
N HIS H 19 -14.29 13.53 -9.93
CA HIS H 19 -13.50 14.23 -10.92
C HIS H 19 -12.02 13.80 -10.86
N GLN H 20 -11.56 13.36 -9.69
CA GLN H 20 -10.19 12.89 -9.55
C GLN H 20 -10.03 11.47 -10.09
N GLY H 21 -11.07 10.64 -9.95
CA GLY H 21 -11.04 9.30 -10.50
C GLY H 21 -11.15 8.22 -9.45
N PHE H 22 -11.42 8.62 -8.22
CA PHE H 22 -11.60 7.68 -7.13
C PHE H 22 -12.99 7.05 -7.21
N LEU H 23 -13.03 5.72 -7.22
CA LEU H 23 -14.28 4.95 -7.24
C LEU H 23 -15.15 5.32 -8.44
N CYS H 24 -14.64 4.96 -9.62
CA CYS H 24 -15.39 5.15 -10.88
C CYS H 24 -15.98 3.79 -11.26
N ASP H 25 -17.20 3.53 -10.76
CA ASP H 25 -17.87 2.26 -11.02
C ASP H 25 -18.30 2.08 -12.46
N CYS H 26 -18.29 3.14 -13.26
CA CYS H 26 -18.71 3.07 -14.65
C CYS H 26 -17.82 3.99 -15.48
N THR H 27 -17.72 3.67 -16.78
CA THR H 27 -16.98 4.49 -17.74
C THR H 27 -17.80 4.62 -19.02
N VAL H 28 -18.51 5.73 -19.16
CA VAL H 28 -19.37 5.98 -20.31
C VAL H 28 -18.57 6.79 -21.34
N LEU H 29 -18.55 6.30 -22.58
CA LEU H 29 -17.80 6.93 -23.66
C LEU H 29 -18.69 7.01 -24.89
N VAL H 30 -19.10 8.23 -25.26
CA VAL H 30 -19.95 8.40 -26.43
C VAL H 30 -19.11 8.47 -27.70
N GLY H 31 -18.15 9.37 -27.75
CA GLY H 31 -17.28 9.58 -28.89
C GLY H 31 -15.89 9.01 -28.68
N ASP H 32 -14.87 9.73 -29.16
CA ASP H 32 -13.50 9.30 -28.95
C ASP H 32 -13.08 9.38 -27.48
N ALA H 33 -13.61 10.35 -26.74
CA ALA H 33 -13.27 10.50 -25.32
C ALA H 33 -14.08 9.54 -24.46
N GLN H 34 -13.55 9.29 -23.26
CA GLN H 34 -14.15 8.35 -22.30
C GLN H 34 -14.20 9.03 -20.94
N PHE H 35 -15.41 9.23 -20.41
CA PHE H 35 -15.59 9.79 -19.07
C PHE H 35 -16.00 8.70 -18.10
N ARG H 36 -15.36 8.66 -16.94
CA ARG H 36 -15.60 7.62 -15.94
C ARG H 36 -15.94 8.27 -14.61
N ALA H 37 -16.91 7.67 -13.92
CA ALA H 37 -17.37 8.16 -12.63
C ALA H 37 -18.23 7.06 -12.01
N HIS H 38 -18.85 7.37 -10.88
CA HIS H 38 -19.69 6.40 -10.19
C HIS H 38 -21.00 6.18 -10.94
N ARG H 39 -21.43 4.92 -11.01
CA ARG H 39 -22.66 4.59 -11.72
C ARG H 39 -23.88 5.18 -11.01
N ALA H 40 -23.89 5.13 -9.68
CA ALA H 40 -25.03 5.65 -8.93
C ALA H 40 -25.21 7.14 -9.13
N VAL H 41 -24.12 7.88 -9.39
CA VAL H 41 -24.23 9.31 -9.62
C VAL H 41 -25.02 9.58 -10.90
N LEU H 42 -24.61 8.95 -12.01
CA LEU H 42 -25.37 9.09 -13.25
C LEU H 42 -26.79 8.57 -13.11
N ALA H 43 -26.99 7.53 -12.28
CA ALA H 43 -28.32 6.97 -12.10
C ALA H 43 -29.24 7.95 -11.40
N SER H 44 -28.77 8.55 -10.30
CA SER H 44 -29.55 9.56 -9.59
C SER H 44 -29.73 10.82 -10.45
N CYS H 45 -28.79 11.08 -11.36
CA CYS H 45 -28.88 12.29 -12.19
C CYS H 45 -29.86 12.08 -13.35
N SER H 46 -29.77 10.95 -14.04
CA SER H 46 -30.53 10.70 -15.26
C SER H 46 -31.37 9.44 -15.11
N MET H 47 -32.64 9.53 -15.51
CA MET H 47 -33.53 8.37 -15.46
C MET H 47 -33.16 7.33 -16.52
N TYR H 48 -32.63 7.78 -17.66
CA TYR H 48 -32.12 6.84 -18.65
C TYR H 48 -30.95 6.05 -18.09
N PHE H 49 -30.07 6.72 -17.35
CA PHE H 49 -29.02 6.01 -16.64
C PHE H 49 -29.59 5.10 -15.56
N HIS H 50 -30.72 5.47 -14.95
CA HIS H 50 -31.34 4.58 -13.97
C HIS H 50 -31.86 3.31 -14.63
N LEU H 51 -32.44 3.45 -15.83
CA LEU H 51 -32.91 2.28 -16.56
C LEU H 51 -31.73 1.44 -17.04
N PHE H 52 -30.66 2.08 -17.49
CA PHE H 52 -29.45 1.35 -17.86
C PHE H 52 -28.85 0.62 -16.66
N TYR H 53 -28.92 1.22 -15.47
CA TYR H 53 -28.40 0.56 -14.28
C TYR H 53 -29.28 -0.61 -13.88
N LYS H 54 -30.59 -0.47 -14.05
CA LYS H 54 -31.49 -1.61 -13.79
C LYS H 54 -31.23 -2.74 -14.78
N ASP H 55 -30.95 -2.39 -16.05
CA ASP H 55 -30.60 -3.38 -17.04
C ASP H 55 -29.23 -3.99 -16.75
N GLN H 56 -28.36 -3.24 -16.08
CA GLN H 56 -27.06 -3.80 -15.72
C GLN H 56 -27.16 -4.63 -14.44
N LEU H 57 -28.23 -4.45 -13.67
CA LEU H 57 -28.54 -5.37 -12.59
C LEU H 57 -29.14 -6.66 -13.13
N ASP H 58 -30.03 -6.56 -14.13
CA ASP H 58 -30.56 -7.73 -14.81
C ASP H 58 -29.60 -8.33 -15.82
N LYS H 59 -28.52 -7.63 -16.17
CA LYS H 59 -27.55 -8.17 -17.12
C LYS H 59 -26.16 -7.60 -16.87
N ARG H 60 -25.15 -8.48 -16.93
CA ARG H 60 -23.71 -8.18 -16.83
C ARG H 60 -23.35 -6.72 -17.13
N ASP H 61 -23.22 -5.91 -16.07
CA ASP H 61 -22.94 -4.48 -16.23
C ASP H 61 -21.80 -4.26 -17.23
N ILE H 62 -22.12 -3.54 -18.29
CA ILE H 62 -21.16 -3.19 -19.34
C ILE H 62 -20.25 -2.06 -18.90
N VAL H 63 -18.94 -2.25 -19.07
CA VAL H 63 -17.98 -1.26 -18.58
C VAL H 63 -18.20 0.08 -19.28
N HIS H 64 -18.61 0.06 -20.54
CA HIS H 64 -18.76 1.25 -21.37
C HIS H 64 -20.14 1.27 -22.02
N LEU H 65 -20.89 2.34 -21.78
CA LEU H 65 -22.21 2.51 -22.37
C LEU H 65 -22.16 3.65 -23.37
N ASN H 66 -22.76 3.44 -24.54
CA ASN H 66 -22.64 4.40 -25.64
C ASN H 66 -23.98 4.69 -26.32
N SER H 67 -24.19 5.97 -26.63
CA SER H 67 -25.33 6.43 -27.41
C SER H 67 -24.79 7.17 -28.63
N ASP H 68 -25.34 6.86 -29.80
CA ASP H 68 -24.86 7.43 -31.05
C ASP H 68 -25.36 8.86 -31.22
N ILE H 69 -24.56 9.65 -31.94
CA ILE H 69 -24.88 11.04 -32.29
C ILE H 69 -25.21 11.85 -31.05
N VAL H 70 -24.51 11.58 -29.95
CA VAL H 70 -24.60 12.38 -28.73
C VAL H 70 -23.23 13.04 -28.56
N THR H 71 -23.18 14.34 -28.86
CA THR H 71 -21.93 15.10 -28.87
C THR H 71 -21.16 14.94 -27.58
N ALA H 72 -19.92 14.43 -27.69
CA ALA H 72 -19.10 14.25 -26.50
C ALA H 72 -18.88 15.55 -25.73
N PRO H 73 -18.61 16.70 -26.37
CA PRO H 73 -18.62 17.96 -25.60
C PRO H 73 -19.93 18.18 -24.85
N ALA H 74 -21.07 17.81 -25.43
CA ALA H 74 -22.33 17.91 -24.72
C ALA H 74 -22.37 16.97 -23.53
N PHE H 75 -21.81 15.76 -23.69
CA PHE H 75 -21.75 14.83 -22.56
C PHE H 75 -20.89 15.40 -21.43
N ALA H 76 -19.78 16.05 -21.78
CA ALA H 76 -18.95 16.70 -20.77
C ALA H 76 -19.71 17.84 -20.12
N LEU H 77 -20.46 18.61 -20.90
CA LEU H 77 -21.28 19.67 -20.33
C LEU H 77 -22.33 19.11 -19.39
N LEU H 78 -22.85 17.92 -19.68
CA LEU H 78 -23.81 17.28 -18.78
C LEU H 78 -23.13 16.83 -17.49
N LEU H 79 -21.90 16.30 -17.61
CA LEU H 79 -21.14 15.94 -16.43
C LEU H 79 -20.88 17.16 -15.56
N GLU H 80 -20.51 18.29 -16.17
CA GLU H 80 -20.29 19.53 -15.42
C GLU H 80 -21.60 20.02 -14.79
N PHE H 81 -22.70 19.95 -15.54
CA PHE H 81 -24.00 20.37 -15.03
C PHE H 81 -24.45 19.49 -13.87
N MET H 82 -23.97 18.25 -13.83
CA MET H 82 -24.21 17.43 -12.64
C MET H 82 -23.62 18.10 -11.40
N TYR H 83 -22.54 18.88 -11.58
CA TYR H 83 -21.94 19.65 -10.50
C TYR H 83 -22.26 21.14 -10.57
N GLU H 84 -22.97 21.60 -11.61
CA GLU H 84 -23.28 23.00 -11.80
C GLU H 84 -24.79 23.19 -11.71
N GLY H 85 -25.22 24.04 -10.78
CA GLY H 85 -26.64 24.21 -10.49
C GLY H 85 -27.46 24.77 -11.63
N LYS H 86 -27.21 26.04 -12.00
CA LYS H 86 -28.00 26.69 -13.03
C LYS H 86 -27.11 27.58 -13.88
N LEU H 87 -27.63 27.94 -15.06
CA LEU H 87 -26.96 28.80 -16.04
C LEU H 87 -25.63 28.21 -16.48
N GLN H 88 -25.73 27.15 -17.29
CA GLN H 88 -24.57 26.49 -17.87
C GLN H 88 -24.63 26.51 -19.39
N PHE H 89 -25.00 27.66 -19.97
CA PHE H 89 -25.06 27.79 -21.42
C PHE H 89 -23.69 27.53 -22.04
N LYS H 90 -22.67 28.29 -21.61
CA LYS H 90 -21.27 28.02 -21.92
C LYS H 90 -21.01 27.97 -23.42
N ASP H 91 -21.68 28.85 -24.18
CA ASP H 91 -21.42 29.08 -25.60
C ASP H 91 -21.63 27.85 -26.46
N LEU H 92 -22.17 26.78 -25.90
CA LEU H 92 -22.38 25.62 -26.74
C LEU H 92 -23.72 25.73 -27.48
N PRO H 93 -23.81 25.13 -28.66
CA PRO H 93 -25.08 25.19 -29.42
C PRO H 93 -26.22 24.52 -28.68
N ILE H 94 -27.32 25.27 -28.51
CA ILE H 94 -28.48 24.76 -27.79
C ILE H 94 -29.07 23.52 -28.43
N GLU H 95 -28.85 23.33 -29.74
CA GLU H 95 -29.43 22.18 -30.44
C GLU H 95 -28.94 20.87 -29.83
N ASP H 96 -27.62 20.65 -29.88
CA ASP H 96 -27.06 19.43 -29.29
C ASP H 96 -27.37 19.32 -27.81
N VAL H 97 -27.47 20.45 -27.12
CA VAL H 97 -27.76 20.45 -25.68
C VAL H 97 -29.13 19.86 -25.42
N LEU H 98 -30.16 20.40 -26.08
CA LEU H 98 -31.50 19.87 -25.91
C LEU H 98 -31.60 18.43 -26.38
N ALA H 99 -30.91 18.09 -27.48
CA ALA H 99 -30.96 16.73 -27.99
C ALA H 99 -30.39 15.73 -26.98
N ALA H 100 -29.21 16.02 -26.44
CA ALA H 100 -28.61 15.13 -25.45
C ALA H 100 -29.45 15.09 -24.19
N ALA H 101 -29.98 16.24 -23.75
CA ALA H 101 -30.81 16.25 -22.55
C ALA H 101 -32.01 15.35 -22.71
N SER H 102 -32.60 15.33 -23.91
CA SER H 102 -33.73 14.46 -24.16
C SER H 102 -33.30 13.00 -24.26
N TYR H 103 -32.18 12.73 -24.91
CA TYR H 103 -31.71 11.35 -25.06
C TYR H 103 -31.40 10.74 -23.69
N LEU H 104 -30.86 11.53 -22.78
CA LEU H 104 -30.61 11.09 -21.42
C LEU H 104 -31.86 11.15 -20.56
N HIS H 105 -32.96 11.68 -21.09
CA HIS H 105 -34.19 11.89 -20.33
C HIS H 105 -33.95 12.77 -19.11
N MET H 106 -33.10 13.77 -19.27
CA MET H 106 -32.76 14.68 -18.18
C MET H 106 -33.96 15.53 -17.77
N TYR H 107 -33.77 16.30 -16.70
CA TYR H 107 -34.78 17.24 -16.24
C TYR H 107 -35.22 18.13 -17.39
N ASP H 108 -36.54 18.28 -17.54
CA ASP H 108 -37.10 18.98 -18.68
C ASP H 108 -36.61 20.42 -18.75
N ILE H 109 -36.25 21.02 -17.62
CA ILE H 109 -35.81 22.42 -17.59
C ILE H 109 -34.64 22.65 -18.54
N VAL H 110 -33.79 21.64 -18.74
CA VAL H 110 -32.65 21.78 -19.65
C VAL H 110 -33.13 22.06 -21.06
N LYS H 111 -33.97 21.17 -21.61
CA LYS H 111 -34.49 21.37 -22.95
C LYS H 111 -35.38 22.60 -23.03
N VAL H 112 -36.07 22.94 -21.95
CA VAL H 112 -36.93 24.13 -21.95
C VAL H 112 -36.08 25.39 -22.09
N CYS H 113 -34.99 25.47 -21.34
CA CYS H 113 -34.09 26.61 -21.44
C CYS H 113 -33.39 26.64 -22.80
N LYS H 114 -33.06 25.46 -23.34
CA LYS H 114 -32.50 25.42 -24.69
C LYS H 114 -33.47 25.98 -25.72
N LYS H 115 -34.75 25.60 -25.60
CA LYS H 115 -35.77 26.10 -26.53
C LYS H 115 -35.96 27.60 -26.38
N LYS H 116 -35.94 28.10 -25.14
CA LYS H 116 -36.08 29.54 -24.91
C LYS H 116 -34.92 30.33 -25.50
N LEU H 117 -33.69 29.80 -25.37
CA LEU H 117 -32.53 30.47 -25.95
C LEU H 117 -32.58 30.42 -27.47
N LYS H 118 -33.06 29.32 -28.05
CA LYS H 118 -33.18 29.23 -29.50
C LYS H 118 -34.31 30.12 -30.03
N GLU H 119 -35.33 30.39 -29.21
CA GLU H 119 -36.44 31.24 -29.61
C GLU H 119 -36.18 32.72 -29.36
N LYS H 120 -35.23 33.06 -28.49
CA LYS H 120 -34.89 34.47 -28.29
C LYS H 120 -34.38 35.11 -29.59
N ALA H 121 -33.68 34.35 -30.42
CA ALA H 121 -33.17 34.87 -31.68
C ALA H 121 -34.26 34.90 -32.75
#